data_4OC5
#
_entry.id   4OC5
#
_cell.length_a   101.578
_cell.length_b   130.446
_cell.length_c   159.066
_cell.angle_alpha   90.00
_cell.angle_beta   90.00
_cell.angle_gamma   90.00
#
_symmetry.space_group_name_H-M   'I 2 2 2'
#
loop_
_entity.id
_entity.type
_entity.pdbx_description
1 polymer 'Glutamate carboxypeptidase 2'
2 branched 2-acetamido-2-deoxy-beta-D-glucopyranose-(1-4)-2-acetamido-2-deoxy-beta-D-glucopyranose
3 branched alpha-D-mannopyranose-(1-3)-beta-D-mannopyranose-(1-4)-2-acetamido-2-deoxy-beta-D-glucopyranose-(1-4)-2-acetamido-2-deoxy-beta-D-glucopyranose
4 non-polymer 2-acetamido-2-deoxy-beta-D-glucopyranose
5 non-polymer 'ZINC ION'
6 non-polymer 'CALCIUM ION'
7 non-polymer 'CHLORIDE ION'
8 non-polymer N~2~-{[(S)-carboxy(4-hydroxyphenyl)methyl]carbamoyl}-N~6~-(4-iodobenzoyl)-L-lysine
9 water water
#
_entity_poly.entity_id   1
_entity_poly.type   'polypeptide(L)'
_entity_poly.pdbx_seq_one_letter_code
;RSKSSNEATNITPKHNMKAFLDELKAENIKKFLYNFTQIPHLAGTEQNFQLAKQIQSQWKEFGLDSVELAHYDVLLSYPN
KTHPNYISIINEDGNEIFNTSLFEPPPPGYENVSDIVPPFSAFSPQGMPEGDLVYVNYARTEDFFKLERDMKINCSGKIV
IARYGKVFRGNKVKNAQLAGAKGVILYSDPADYFAPGVKSYPDGWNLPGGGVQRGNILNLNGAGDPLTPGYPANEYAYRR
GIAEAVGLPSIPVHPIGYYDAQKLLEKMGGSAPPDSSWRGSLKVPYNVGPGFTGNFSTQKVKMHIHSTNEVTRIYNVIGT
LRGAVEPDRYVILGGHRDSWVFGGIDPQSGAAVVHEIVRSFGTLKKEGWRPRRTILFASWDAEEFGLLGSTEWAEENSRL
LQERGVAYINADSSIEGNYTLRVDCTPLMYSLVHNLTKELKSPDEGFEGKSLYESWTKKSPSPEFSGMPRISKLGSGNDF
EVFFQRLGIASGRARYTKNWETNKFSGYPLYHSVYETYELVEKFYDPMFKYHLTVAQVRGGMVFELANSIVLPFDCRDYA
VVLRKYADKIYSISMKHPQEMKTYSVSFDSLFSAVKNFTEIASKFSERLQDFDKSNPIVLRMMNDQLMFLERAFIDPLGL
PDRPFYRHVIYAPSSHNKYAGESFPGIYDALFDIESKVDPSKAWGEVKRQIYVAAFTVQAAAETLSEVA
;
_entity_poly.pdbx_strand_id   A
#
loop_
_chem_comp.id
_chem_comp.type
_chem_comp.name
_chem_comp.formula
2QM non-polymer N~2~-{[(S)-carboxy(4-hydroxyphenyl)methyl]carbamoyl}-N~6~-(4-iodobenzoyl)-L-lysine 'C22 H24 I N3 O7'
BMA D-saccharide, beta linking beta-D-mannopyranose 'C6 H12 O6'
CA non-polymer 'CALCIUM ION' 'Ca 2'
CL non-polymer 'CHLORIDE ION' 'Cl -1'
MAN D-saccharide, alpha linking alpha-D-mannopyranose 'C6 H12 O6'
NAG D-saccharide, beta linking 2-acetamido-2-deoxy-beta-D-glucopyranose 'C8 H15 N O6'
ZN non-polymer 'ZINC ION' 'Zn 2'
#
# COMPACT_ATOMS: atom_id res chain seq x y z
N LYS A 14 18.32 -18.31 27.90
CA LYS A 14 18.59 -18.53 26.45
C LYS A 14 18.12 -17.37 25.58
N HIS A 15 18.85 -17.14 24.49
CA HIS A 15 18.47 -16.10 23.54
C HIS A 15 17.84 -16.76 22.32
N ASN A 16 16.52 -16.89 22.36
CA ASN A 16 15.78 -17.52 21.28
C ASN A 16 14.58 -16.65 20.95
N MET A 17 13.69 -17.17 20.10
CA MET A 17 12.57 -16.33 19.69
CA MET A 17 12.50 -16.44 19.66
C MET A 17 11.64 -16.05 20.88
N LYS A 18 11.46 -17.03 21.76
CA LYS A 18 10.58 -16.79 22.88
C LYS A 18 11.09 -15.63 23.77
N ALA A 19 12.41 -15.52 23.96
CA ALA A 19 12.97 -14.42 24.77
C ALA A 19 12.68 -13.07 24.10
N PHE A 20 12.88 -13.03 22.78
CA PHE A 20 12.58 -11.83 22.00
C PHE A 20 11.12 -11.43 22.15
N LEU A 21 10.22 -12.39 21.94
CA LEU A 21 8.80 -12.12 22.01
C LEU A 21 8.32 -11.71 23.41
N ASP A 22 8.89 -12.31 24.43
CA ASP A 22 8.44 -12.00 25.81
C ASP A 22 8.87 -10.61 26.25
N GLU A 23 9.87 -10.04 25.59
CA GLU A 23 10.37 -8.76 26.01
C GLU A 23 9.42 -7.66 25.52
N LEU A 24 8.72 -7.92 24.40
CA LEU A 24 7.71 -6.97 23.89
C LEU A 24 6.58 -6.69 24.89
N LYS A 25 6.24 -5.43 25.12
CA LYS A 25 5.19 -5.09 26.10
C LYS A 25 4.15 -4.14 25.52
N ALA A 26 2.86 -4.47 25.69
CA ALA A 26 1.75 -3.60 25.31
C ALA A 26 1.90 -2.19 25.86
N GLU A 27 2.34 -2.06 27.10
N GLU A 27 2.38 -2.13 27.10
CA GLU A 27 2.36 -0.75 27.75
CA GLU A 27 2.52 -0.91 27.91
C GLU A 27 3.45 0.14 27.15
C GLU A 27 3.47 0.08 27.23
N ASN A 28 4.52 -0.47 26.64
CA ASN A 28 5.53 0.33 25.92
C ASN A 28 5.01 0.84 24.60
N ILE A 29 4.32 -0.01 23.86
CA ILE A 29 3.67 0.41 22.60
C ILE A 29 2.74 1.58 22.84
N LYS A 30 1.95 1.51 23.92
CA LYS A 30 0.99 2.59 24.25
C LYS A 30 1.76 3.89 24.53
N LYS A 31 2.82 3.81 25.34
CA LYS A 31 3.63 5.01 25.62
C LYS A 31 4.22 5.66 24.34
N PHE A 32 4.71 4.81 23.43
CA PHE A 32 5.33 5.31 22.21
C PHE A 32 4.26 5.93 21.31
N LEU A 33 3.07 5.32 21.24
CA LEU A 33 2.02 5.84 20.38
C LEU A 33 1.62 7.20 20.87
N TYR A 34 1.46 7.34 22.19
CA TYR A 34 1.14 8.64 22.77
C TYR A 34 2.20 9.68 22.39
N ASN A 35 3.44 9.28 22.54
CA ASN A 35 4.56 10.17 22.27
C ASN A 35 4.67 10.63 20.81
N PHE A 36 4.23 9.76 19.91
CA PHE A 36 4.31 10.04 18.46
C PHE A 36 3.14 10.78 17.86
N THR A 37 2.07 11.09 18.64
CA THR A 37 0.85 11.56 18.04
C THR A 37 0.31 12.84 18.67
N GLN A 38 1.16 13.54 19.42
CA GLN A 38 0.74 14.82 20.07
C GLN A 38 0.68 16.01 19.12
N ILE A 39 1.51 15.99 18.07
CA ILE A 39 1.55 17.10 17.12
C ILE A 39 1.63 16.52 15.71
N PRO A 40 1.26 17.30 14.68
CA PRO A 40 1.29 16.72 13.34
C PRO A 40 2.75 16.46 12.93
N HIS A 41 2.95 15.45 12.09
CA HIS A 41 4.30 15.16 11.56
C HIS A 41 4.27 15.07 10.02
N LEU A 42 3.80 16.13 9.38
CA LEU A 42 3.70 16.16 7.91
C LEU A 42 5.10 16.13 7.26
N ALA A 43 5.27 15.28 6.23
CA ALA A 43 6.57 15.24 5.55
C ALA A 43 7.05 16.63 5.15
N GLY A 44 8.35 16.83 5.35
CA GLY A 44 9.00 18.06 4.93
C GLY A 44 8.89 19.19 5.93
N THR A 45 8.24 18.96 7.07
CA THR A 45 8.05 20.00 8.07
C THR A 45 9.08 19.84 9.18
N GLU A 46 9.35 20.93 9.91
CA GLU A 46 10.27 20.87 11.04
C GLU A 46 9.89 19.82 12.11
N GLN A 47 8.59 19.68 12.39
CA GLN A 47 8.16 18.74 13.40
C GLN A 47 8.52 17.30 13.07
N ASN A 48 8.45 16.97 11.79
CA ASN A 48 8.79 15.62 11.39
CA ASN A 48 8.79 15.64 11.30
C ASN A 48 10.30 15.38 11.41
N PHE A 49 11.09 16.42 11.16
CA PHE A 49 12.54 16.33 11.27
C PHE A 49 12.88 16.15 12.74
N GLN A 50 12.23 16.90 13.64
N GLN A 50 12.21 16.92 13.61
CA GLN A 50 12.57 16.69 15.05
CA GLN A 50 12.43 16.76 15.07
C GLN A 50 12.20 15.27 15.54
C GLN A 50 12.18 15.32 15.52
N LEU A 51 11.10 14.72 15.05
CA LEU A 51 10.78 13.34 15.39
C LEU A 51 11.84 12.37 14.85
N ALA A 52 12.31 12.60 13.62
CA ALA A 52 13.37 11.77 13.08
C ALA A 52 14.60 11.79 13.98
N LYS A 53 14.98 12.98 14.44
CA LYS A 53 16.15 13.05 15.36
C LYS A 53 15.91 12.35 16.68
N GLN A 54 14.66 12.44 17.19
CA GLN A 54 14.30 11.73 18.43
C GLN A 54 14.46 10.23 18.24
N ILE A 55 13.93 9.71 17.13
CA ILE A 55 14.02 8.27 16.86
C ILE A 55 15.45 7.80 16.70
N GLN A 56 16.23 8.56 15.98
CA GLN A 56 17.64 8.23 15.80
C GLN A 56 18.29 8.12 17.19
N SER A 57 18.02 9.10 18.04
CA SER A 57 18.62 9.10 19.40
C SER A 57 18.21 7.90 20.21
N GLN A 58 16.90 7.61 20.20
CA GLN A 58 16.39 6.46 20.94
C GLN A 58 16.86 5.11 20.42
N TRP A 59 16.88 4.93 19.08
CA TRP A 59 17.40 3.68 18.56
C TRP A 59 18.86 3.45 18.95
N LYS A 60 19.65 4.51 19.04
CA LYS A 60 21.04 4.40 19.53
C LYS A 60 21.04 3.92 21.00
N GLU A 61 20.23 4.58 21.84
N GLU A 61 20.23 4.54 21.86
CA GLU A 61 20.07 4.24 23.27
CA GLU A 61 20.21 4.16 23.29
C GLU A 61 19.66 2.76 23.40
C GLU A 61 19.59 2.76 23.48
N PHE A 62 18.71 2.35 22.57
CA PHE A 62 18.16 0.97 22.58
C PHE A 62 19.22 -0.08 22.25
N GLY A 63 20.29 0.33 21.60
CA GLY A 63 21.44 -0.51 21.41
C GLY A 63 21.80 -0.86 19.98
N LEU A 64 21.18 -0.22 18.97
CA LEU A 64 21.63 -0.52 17.60
C LEU A 64 23.09 -0.14 17.35
N ASP A 65 23.77 -0.85 16.43
CA ASP A 65 25.18 -0.57 16.11
C ASP A 65 25.44 0.78 15.47
N SER A 66 24.55 1.22 14.59
CA SER A 66 24.72 2.48 13.90
C SER A 66 23.28 2.93 13.58
N VAL A 67 23.03 4.25 13.66
CA VAL A 67 21.72 4.79 13.30
C VAL A 67 22.01 6.13 12.63
N GLU A 68 21.69 6.23 11.34
CA GLU A 68 21.97 7.44 10.58
C GLU A 68 20.71 8.01 9.96
N LEU A 69 20.72 9.30 9.64
CA LEU A 69 19.64 9.87 8.83
C LEU A 69 20.12 9.88 7.37
N ALA A 70 19.26 9.43 6.47
CA ALA A 70 19.54 9.54 5.03
C ALA A 70 18.55 10.56 4.54
N HIS A 71 19.05 11.64 3.93
CA HIS A 71 18.09 12.68 3.47
C HIS A 71 18.11 12.81 1.95
N TYR A 72 17.00 13.31 1.42
CA TYR A 72 16.78 13.51 -0.04
C TYR A 72 16.02 14.79 -0.23
N ASP A 73 16.11 15.36 -1.43
CA ASP A 73 15.34 16.56 -1.76
C ASP A 73 14.38 16.23 -2.87
N VAL A 74 13.10 16.11 -2.48
CA VAL A 74 12.05 15.56 -3.37
C VAL A 74 10.86 16.52 -3.58
N LEU A 75 10.07 16.25 -4.63
CA LEU A 75 8.93 17.12 -4.89
C LEU A 75 7.81 16.79 -3.93
N LEU A 76 7.40 17.77 -3.11
CA LEU A 76 6.23 17.64 -2.21
C LEU A 76 5.18 18.67 -2.64
N SER A 77 4.03 18.65 -1.98
CA SER A 77 2.92 19.53 -2.41
C SER A 77 2.22 20.03 -1.15
N TYR A 78 1.85 21.33 -1.12
CA TYR A 78 1.23 21.89 0.07
C TYR A 78 0.24 22.97 -0.32
N PRO A 79 -0.81 23.08 0.45
CA PRO A 79 -1.73 24.20 0.17
C PRO A 79 -1.06 25.54 0.45
N ASN A 80 -1.62 26.60 -0.13
CA ASN A 80 -1.11 27.94 0.14
C ASN A 80 -1.82 28.47 1.39
N LYS A 81 -1.06 28.75 2.45
CA LYS A 81 -1.63 29.15 3.74
C LYS A 81 -2.43 30.47 3.70
N THR A 82 -2.07 31.35 2.77
CA THR A 82 -2.78 32.62 2.60
C THR A 82 -3.73 32.70 1.38
N HIS A 83 -4.04 31.56 0.75
CA HIS A 83 -4.92 31.53 -0.42
C HIS A 83 -5.60 30.14 -0.43
N PRO A 84 -6.59 29.95 0.43
CA PRO A 84 -7.11 28.59 0.66
C PRO A 84 -7.88 27.96 -0.51
N ASN A 85 -7.84 26.64 -0.53
CA ASN A 85 -8.54 25.86 -1.52
C ASN A 85 -9.99 25.72 -1.08
N TYR A 86 -10.91 25.87 -2.03
CA TYR A 86 -12.32 25.56 -1.73
C TYR A 86 -13.09 25.38 -3.03
N ILE A 87 -14.32 24.88 -2.92
CA ILE A 87 -15.20 24.71 -4.07
C ILE A 87 -16.46 25.56 -3.81
N SER A 88 -16.97 26.14 -4.88
CA SER A 88 -18.24 26.90 -4.80
C SER A 88 -19.31 26.38 -5.73
N ILE A 89 -20.58 26.70 -5.39
CA ILE A 89 -21.62 26.74 -6.41
C ILE A 89 -21.80 28.24 -6.67
N ILE A 90 -21.73 28.62 -7.94
CA ILE A 90 -21.87 30.02 -8.36
C ILE A 90 -23.12 30.19 -9.22
N ASN A 91 -23.80 31.32 -9.06
CA ASN A 91 -24.97 31.59 -9.94
C ASN A 91 -24.56 32.25 -11.26
N GLU A 92 -25.51 32.46 -12.17
CA GLU A 92 -25.24 33.13 -13.46
C GLU A 92 -24.58 34.51 -13.39
N ASP A 93 -24.71 35.18 -12.25
CA ASP A 93 -24.04 36.47 -11.99
C ASP A 93 -22.59 36.31 -11.53
N GLY A 94 -22.19 35.08 -11.23
CA GLY A 94 -20.88 34.82 -10.67
C GLY A 94 -20.80 35.10 -9.17
N ASN A 95 -21.92 35.03 -8.47
CA ASN A 95 -21.89 35.07 -7.01
C ASN A 95 -21.74 33.65 -6.48
N GLU A 96 -20.84 33.49 -5.52
CA GLU A 96 -20.60 32.18 -4.92
C GLU A 96 -21.60 32.00 -3.80
N ILE A 97 -22.63 31.20 -4.06
CA ILE A 97 -23.75 31.04 -3.13
C ILE A 97 -23.57 29.95 -2.11
N PHE A 98 -22.60 29.06 -2.34
CA PHE A 98 -22.26 28.08 -1.35
C PHE A 98 -20.76 27.83 -1.46
N ASN A 99 -20.09 27.74 -0.32
CA ASN A 99 -18.66 27.37 -0.25
C ASN A 99 -18.41 26.17 0.60
N THR A 100 -17.51 25.28 0.15
CA THR A 100 -17.12 24.17 1.03
C THR A 100 -16.19 24.70 2.14
N SER A 101 -15.98 23.87 3.15
CA SER A 101 -15.25 24.27 4.34
CA SER A 101 -15.23 24.23 4.36
C SER A 101 -13.75 24.47 4.09
N LEU A 102 -13.15 25.39 4.85
CA LEU A 102 -11.72 25.66 4.71
C LEU A 102 -10.87 24.75 5.62
N PHE A 103 -11.51 24.00 6.52
CA PHE A 103 -10.75 23.13 7.45
C PHE A 103 -11.71 22.22 8.13
N GLU A 104 -11.22 21.08 8.65
CA GLU A 104 -12.08 20.15 9.43
C GLU A 104 -12.19 20.70 10.86
N PRO A 105 -13.37 20.64 11.46
CA PRO A 105 -13.42 21.09 12.87
C PRO A 105 -12.46 20.26 13.73
N PRO A 106 -11.55 20.92 14.46
CA PRO A 106 -10.55 20.07 15.15
C PRO A 106 -11.15 19.30 16.31
N PRO A 107 -10.57 18.11 16.61
CA PRO A 107 -11.12 17.35 17.72
C PRO A 107 -10.90 17.98 19.12
N PRO A 108 -11.69 17.56 20.12
CA PRO A 108 -11.61 18.14 21.48
C PRO A 108 -10.20 18.19 22.08
N GLY A 109 -9.79 19.39 22.51
CA GLY A 109 -8.51 19.51 23.19
C GLY A 109 -7.36 19.78 22.22
N TYR A 110 -7.69 19.78 20.93
CA TYR A 110 -6.71 20.10 19.86
C TYR A 110 -7.17 21.27 19.01
N GLU A 111 -8.22 21.97 19.44
CA GLU A 111 -8.66 23.16 18.72
C GLU A 111 -7.56 24.26 18.71
N ASN A 112 -6.50 24.11 19.52
CA ASN A 112 -5.40 25.10 19.53
C ASN A 112 -4.05 24.61 18.96
N VAL A 113 -4.02 23.39 18.46
CA VAL A 113 -2.83 22.91 17.77
C VAL A 113 -2.67 23.68 16.43
N SER A 114 -1.46 24.13 16.16
CA SER A 114 -1.19 24.81 14.91
C SER A 114 -0.62 23.81 13.90
N ASP A 115 -0.60 24.25 12.64
CA ASP A 115 0.05 23.50 11.62
C ASP A 115 -0.72 22.24 11.27
N ILE A 116 -2.04 22.21 11.50
CA ILE A 116 -2.84 21.10 10.94
C ILE A 116 -3.07 21.45 9.48
N VAL A 117 -2.57 20.63 8.55
CA VAL A 117 -2.76 20.95 7.14
C VAL A 117 -4.24 20.79 6.77
N PRO A 118 -4.84 21.80 6.11
CA PRO A 118 -6.24 21.60 5.72
C PRO A 118 -6.35 20.53 4.65
N PRO A 119 -7.52 19.92 4.54
CA PRO A 119 -7.72 18.88 3.52
C PRO A 119 -7.40 19.38 2.12
N PHE A 120 -6.65 18.55 1.39
CA PHE A 120 -6.27 18.90 0.02
C PHE A 120 -5.85 17.61 -0.62
N SER A 121 -5.84 17.63 -1.96
CA SER A 121 -5.31 16.48 -2.71
C SER A 121 -3.87 16.80 -3.12
N ALA A 122 -2.90 16.09 -2.54
CA ALA A 122 -1.50 16.45 -2.81
C ALA A 122 -1.19 16.19 -4.28
N PHE A 123 -0.53 17.18 -4.90
CA PHE A 123 -0.03 17.22 -6.27
C PHE A 123 -1.07 17.69 -7.25
N SER A 124 -2.22 18.08 -6.73
CA SER A 124 -3.20 18.73 -7.65
C SER A 124 -2.53 19.95 -8.34
N PRO A 125 -2.72 20.11 -9.67
CA PRO A 125 -2.33 21.41 -10.21
C PRO A 125 -3.26 22.56 -9.76
N GLN A 126 -2.83 23.79 -10.01
CA GLN A 126 -3.63 24.99 -9.67
C GLN A 126 -4.66 25.20 -10.75
N GLY A 127 -5.78 25.81 -10.40
CA GLY A 127 -6.72 26.19 -11.43
C GLY A 127 -8.02 26.62 -10.79
N MET A 128 -8.87 27.26 -11.60
CA MET A 128 -10.19 27.63 -11.14
C MET A 128 -11.25 27.24 -12.17
N PRO A 129 -11.30 25.96 -12.55
CA PRO A 129 -12.28 25.45 -13.53
C PRO A 129 -13.72 25.64 -13.02
N GLU A 130 -14.63 26.03 -13.91
CA GLU A 130 -16.04 26.16 -13.55
C GLU A 130 -16.85 25.40 -14.57
N GLY A 131 -17.83 24.61 -14.14
CA GLY A 131 -18.54 23.78 -15.08
C GLY A 131 -19.73 23.08 -14.47
N ASP A 132 -20.31 22.17 -15.24
CA ASP A 132 -21.42 21.34 -14.76
C ASP A 132 -20.85 20.07 -14.18
N LEU A 133 -21.53 19.53 -13.16
CA LEU A 133 -21.08 18.31 -12.50
C LEU A 133 -21.60 17.06 -13.19
N VAL A 134 -20.77 16.01 -13.19
CA VAL A 134 -21.28 14.69 -13.52
C VAL A 134 -20.86 13.80 -12.37
N TYR A 135 -21.78 12.95 -11.90
CA TYR A 135 -21.49 12.03 -10.79
C TYR A 135 -21.06 10.69 -11.34
N VAL A 136 -19.88 10.18 -10.90
CA VAL A 136 -19.28 9.02 -11.57
C VAL A 136 -19.10 7.81 -10.63
N ASN A 137 -19.90 7.77 -9.57
CA ASN A 137 -19.85 6.71 -8.59
C ASN A 137 -18.43 6.69 -7.99
N TYR A 138 -17.76 5.53 -8.04
CA TYR A 138 -16.41 5.45 -7.44
C TYR A 138 -15.34 5.81 -8.45
N ALA A 139 -15.76 6.24 -9.65
CA ALA A 139 -14.83 6.64 -10.70
C ALA A 139 -13.87 5.48 -11.09
N ARG A 140 -14.36 4.26 -10.99
CA ARG A 140 -13.59 3.07 -11.42
C ARG A 140 -13.64 2.92 -12.93
N THR A 141 -12.75 2.11 -13.49
CA THR A 141 -12.79 1.88 -14.94
C THR A 141 -14.20 1.44 -15.41
N GLU A 142 -14.83 0.52 -14.66
CA GLU A 142 -16.17 0.03 -15.04
C GLU A 142 -17.27 1.11 -14.86
N ASP A 143 -17.05 2.05 -13.93
CA ASP A 143 -18.02 3.15 -13.75
C ASP A 143 -17.99 4.05 -14.97
N PHE A 144 -16.78 4.33 -15.47
CA PHE A 144 -16.65 5.15 -16.67
C PHE A 144 -17.11 4.39 -17.91
N PHE A 145 -16.93 3.06 -17.93
CA PHE A 145 -17.49 2.25 -19.05
C PHE A 145 -19.02 2.37 -19.10
N LYS A 146 -19.67 2.20 -17.94
CA LYS A 146 -21.13 2.34 -17.81
C LYS A 146 -21.63 3.71 -18.28
N LEU A 147 -20.98 4.79 -17.83
N LEU A 147 -20.93 4.77 -17.86
CA LEU A 147 -21.36 6.15 -18.22
CA LEU A 147 -21.29 6.15 -18.15
C LEU A 147 -21.29 6.33 -19.72
C LEU A 147 -21.17 6.52 -19.62
N GLU A 148 -20.11 6.06 -20.27
CA GLU A 148 -19.80 6.38 -21.66
C GLU A 148 -20.43 5.41 -22.64
N ARG A 149 -20.28 4.10 -22.39
CA ARG A 149 -20.72 3.07 -23.33
C ARG A 149 -22.21 2.74 -23.24
N ASP A 150 -22.74 2.69 -22.01
CA ASP A 150 -24.15 2.31 -21.81
C ASP A 150 -25.10 3.51 -21.68
N MET A 151 -24.69 4.54 -20.96
CA MET A 151 -25.57 5.67 -20.69
C MET A 151 -25.33 6.82 -21.66
N LYS A 152 -24.25 6.73 -22.42
CA LYS A 152 -23.87 7.72 -23.43
C LYS A 152 -23.68 9.10 -22.86
N ILE A 153 -23.18 9.18 -21.63
CA ILE A 153 -22.93 10.47 -21.01
C ILE A 153 -21.50 10.84 -21.26
N ASN A 154 -21.28 12.07 -21.70
CA ASN A 154 -19.95 12.53 -22.08
C ASN A 154 -19.38 13.39 -20.93
N CYS A 155 -18.23 13.00 -20.36
CA CYS A 155 -17.61 13.79 -19.30
C CYS A 155 -16.72 14.92 -19.79
N SER A 156 -16.54 15.03 -21.10
CA SER A 156 -15.63 16.03 -21.61
C SER A 156 -16.02 17.44 -21.22
N GLY A 157 -15.09 18.17 -20.60
CA GLY A 157 -15.33 19.54 -20.14
C GLY A 157 -16.19 19.66 -18.88
N LYS A 158 -16.51 18.54 -18.22
CA LYS A 158 -17.34 18.55 -17.01
C LYS A 158 -16.44 18.45 -15.76
N ILE A 159 -16.98 18.85 -14.62
CA ILE A 159 -16.33 18.54 -13.32
C ILE A 159 -16.92 17.25 -12.84
N VAL A 160 -16.07 16.28 -12.50
CA VAL A 160 -16.60 15.02 -12.07
C VAL A 160 -16.62 15.00 -10.54
N ILE A 161 -17.67 14.44 -9.96
CA ILE A 161 -17.69 14.20 -8.53
C ILE A 161 -17.81 12.69 -8.27
N ALA A 162 -16.93 12.18 -7.41
CA ALA A 162 -16.79 10.76 -7.23
C ALA A 162 -16.70 10.50 -5.76
N ARG A 163 -17.25 9.38 -5.30
CA ARG A 163 -17.04 9.00 -3.94
C ARG A 163 -15.77 8.19 -3.76
N TYR A 164 -15.09 8.48 -2.66
CA TYR A 164 -13.94 7.69 -2.28
C TYR A 164 -14.36 6.25 -2.03
N GLY A 165 -13.42 5.31 -2.17
CA GLY A 165 -13.69 3.92 -1.83
C GLY A 165 -13.31 3.02 -2.98
N LYS A 166 -13.14 1.74 -2.68
CA LYS A 166 -12.99 0.63 -3.67
C LYS A 166 -11.64 0.61 -4.36
N VAL A 167 -11.15 1.77 -4.80
CA VAL A 167 -9.85 1.81 -5.51
C VAL A 167 -9.05 3.02 -5.05
N PHE A 168 -7.73 2.96 -5.29
CA PHE A 168 -6.88 4.12 -5.00
C PHE A 168 -7.32 5.41 -5.70
N ARG A 169 -7.30 6.52 -4.96
CA ARG A 169 -7.84 7.81 -5.54
C ARG A 169 -7.06 8.28 -6.76
N GLY A 170 -5.78 7.94 -6.85
CA GLY A 170 -5.02 8.32 -8.03
C GLY A 170 -5.55 7.66 -9.32
N ASN A 171 -6.05 6.43 -9.20
CA ASN A 171 -6.72 5.78 -10.35
C ASN A 171 -8.00 6.49 -10.73
N LYS A 172 -8.76 6.94 -9.73
CA LYS A 172 -9.97 7.76 -10.03
C LYS A 172 -9.61 8.98 -10.89
N VAL A 173 -8.58 9.69 -10.49
CA VAL A 173 -8.21 10.93 -11.15
C VAL A 173 -7.70 10.61 -12.56
N LYS A 174 -6.90 9.55 -12.69
CA LYS A 174 -6.42 9.14 -14.02
C LYS A 174 -7.62 8.85 -14.94
N ASN A 175 -8.58 8.09 -14.43
CA ASN A 175 -9.79 7.70 -15.19
C ASN A 175 -10.54 8.98 -15.58
N ALA A 176 -10.68 9.91 -14.64
CA ALA A 176 -11.48 11.16 -14.91
C ALA A 176 -10.74 11.98 -15.97
N GLN A 177 -9.42 12.01 -15.90
CA GLN A 177 -8.63 12.74 -16.90
C GLN A 177 -8.82 12.20 -18.30
N LEU A 178 -8.74 10.87 -18.43
CA LEU A 178 -8.88 10.24 -19.74
C LEU A 178 -10.28 10.34 -20.29
N ALA A 179 -11.24 10.55 -19.41
CA ALA A 179 -12.62 10.82 -19.84
C ALA A 179 -12.82 12.27 -20.26
N GLY A 180 -11.82 13.13 -20.10
CA GLY A 180 -11.90 14.56 -20.50
C GLY A 180 -12.45 15.52 -19.46
N ALA A 181 -12.58 15.06 -18.20
CA ALA A 181 -13.00 15.92 -17.09
C ALA A 181 -12.09 17.15 -16.96
N LYS A 182 -12.61 18.29 -16.50
CA LYS A 182 -11.70 19.41 -16.24
C LYS A 182 -11.39 19.62 -14.77
N GLY A 183 -11.95 18.77 -13.93
CA GLY A 183 -11.65 18.79 -12.46
C GLY A 183 -12.33 17.62 -11.81
N VAL A 184 -11.90 17.29 -10.59
CA VAL A 184 -12.44 16.17 -9.86
C VAL A 184 -12.71 16.61 -8.42
N ILE A 185 -13.87 16.26 -7.90
CA ILE A 185 -14.21 16.47 -6.49
C ILE A 185 -14.37 15.07 -5.90
N LEU A 186 -13.59 14.78 -4.85
CA LEU A 186 -13.67 13.48 -4.17
C LEU A 186 -14.40 13.70 -2.84
N TYR A 187 -15.28 12.78 -2.45
CA TYR A 187 -15.93 12.95 -1.14
C TYR A 187 -16.15 11.62 -0.48
N SER A 188 -16.31 11.63 0.85
CA SER A 188 -16.55 10.43 1.64
C SER A 188 -18.05 10.23 1.87
N ASP A 189 -18.59 9.20 1.27
CA ASP A 189 -20.03 8.92 1.43
C ASP A 189 -20.21 8.13 2.71
N PRO A 190 -21.27 8.43 3.50
CA PRO A 190 -21.48 7.61 4.69
C PRO A 190 -21.70 6.14 4.36
N ALA A 191 -22.10 5.80 3.14
CA ALA A 191 -22.27 4.37 2.82
C ALA A 191 -20.94 3.63 3.05
N ASP A 192 -19.84 4.32 2.75
CA ASP A 192 -18.51 3.69 2.80
C ASP A 192 -17.72 4.06 4.06
N TYR A 193 -18.08 5.17 4.71
CA TYR A 193 -17.25 5.66 5.83
C TYR A 193 -18.08 5.89 7.10
N PHE A 194 -19.27 5.30 7.17
CA PHE A 194 -20.08 5.45 8.39
C PHE A 194 -20.75 4.07 8.67
N ALA A 195 -20.17 3.30 9.58
CA ALA A 195 -20.68 1.97 9.93
C ALA A 195 -22.00 2.12 10.69
N PRO A 196 -23.04 1.35 10.31
CA PRO A 196 -24.31 1.53 11.02
C PRO A 196 -24.19 1.27 12.54
N GLY A 197 -24.85 2.11 13.33
CA GLY A 197 -24.93 1.87 14.77
C GLY A 197 -23.77 2.38 15.60
N VAL A 198 -22.79 3.04 14.98
CA VAL A 198 -21.66 3.54 15.72
C VAL A 198 -21.70 5.04 15.61
N LYS A 199 -21.25 5.71 16.65
CA LYS A 199 -21.30 7.15 16.70
C LYS A 199 -20.06 7.75 16.01
N SER A 200 -20.23 8.98 15.52
CA SER A 200 -19.17 9.86 14.98
C SER A 200 -18.16 10.22 16.03
N TYR A 201 -16.90 10.41 15.60
CA TYR A 201 -15.88 10.96 16.46
C TYR A 201 -16.33 12.31 17.02
N PRO A 202 -16.10 12.59 18.34
CA PRO A 202 -15.32 11.89 19.39
C PRO A 202 -16.01 10.82 20.22
N ASP A 203 -17.24 10.52 19.89
CA ASP A 203 -18.04 9.58 20.69
C ASP A 203 -18.01 8.16 20.17
N GLY A 204 -17.45 7.96 18.96
CA GLY A 204 -17.27 6.64 18.36
C GLY A 204 -16.25 6.80 17.24
N TRP A 205 -16.09 5.75 16.42
CA TRP A 205 -14.97 5.73 15.43
C TRP A 205 -15.44 6.04 14.02
N ASN A 206 -16.66 6.57 13.90
CA ASN A 206 -17.21 6.96 12.58
C ASN A 206 -16.75 8.34 12.17
N LEU A 207 -16.86 8.61 10.86
CA LEU A 207 -16.49 9.89 10.29
C LEU A 207 -17.64 10.87 10.42
N PRO A 208 -17.36 12.04 11.00
CA PRO A 208 -18.35 13.15 11.03
C PRO A 208 -18.53 13.79 9.67
N GLY A 209 -19.61 14.55 9.49
CA GLY A 209 -19.91 15.12 8.18
C GLY A 209 -18.92 16.18 7.75
N GLY A 210 -18.15 16.74 8.69
CA GLY A 210 -17.10 17.71 8.40
C GLY A 210 -15.73 17.09 8.19
N GLY A 211 -15.63 15.78 8.43
CA GLY A 211 -14.35 15.05 8.24
C GLY A 211 -14.01 14.91 6.77
N VAL A 212 -12.69 14.89 6.46
CA VAL A 212 -12.26 14.81 5.08
C VAL A 212 -11.00 13.97 4.99
N GLN A 213 -10.95 13.15 3.97
CA GLN A 213 -9.81 12.24 3.75
C GLN A 213 -8.79 12.97 2.85
N ARG A 214 -7.60 13.24 3.41
CA ARG A 214 -6.43 13.75 2.65
C ARG A 214 -5.84 12.59 1.82
N GLY A 215 -4.94 12.94 0.90
CA GLY A 215 -4.18 11.88 0.21
C GLY A 215 -3.66 12.28 -1.13
N ASN A 216 -2.52 11.72 -1.56
CA ASN A 216 -1.96 12.09 -2.86
C ASN A 216 -2.78 11.46 -4.00
N ILE A 217 -2.70 12.09 -5.17
CA ILE A 217 -3.44 11.61 -6.35
C ILE A 217 -2.46 11.38 -7.51
N LEU A 218 -1.23 10.94 -7.16
CA LEU A 218 -0.19 10.67 -8.19
C LEU A 218 -0.42 9.34 -8.87
N ASN A 219 0.18 9.19 -10.06
CA ASN A 219 0.22 7.90 -10.73
C ASN A 219 1.66 7.63 -11.09
N LEU A 220 2.47 7.33 -10.07
CA LEU A 220 3.91 7.18 -10.22
C LEU A 220 4.36 5.86 -10.81
N ASN A 221 3.53 4.82 -10.68
CA ASN A 221 3.92 3.44 -11.15
C ASN A 221 5.30 3.00 -10.68
N GLY A 222 5.59 3.35 -9.43
CA GLY A 222 6.82 2.89 -8.83
C GLY A 222 8.01 3.81 -9.00
N ALA A 223 7.85 5.00 -9.57
CA ALA A 223 9.00 5.82 -9.90
C ALA A 223 9.66 6.50 -8.70
N GLY A 224 8.92 6.69 -7.62
CA GLY A 224 9.53 7.52 -6.55
C GLY A 224 9.38 9.03 -6.80
N ASP A 225 10.36 9.82 -6.33
CA ASP A 225 10.27 11.28 -6.60
C ASP A 225 10.00 11.55 -8.10
N PRO A 226 8.98 12.38 -8.40
CA PRO A 226 8.58 12.64 -9.76
C PRO A 226 9.73 13.26 -10.61
N LEU A 227 10.67 13.93 -9.95
CA LEU A 227 11.74 14.62 -10.72
C LEU A 227 12.99 13.83 -11.00
N THR A 228 13.16 12.68 -10.32
CA THR A 228 14.41 11.90 -10.42
C THR A 228 14.21 10.39 -10.66
N PRO A 229 13.35 9.98 -11.60
CA PRO A 229 13.09 8.52 -11.74
C PRO A 229 14.35 7.70 -12.08
N GLY A 230 14.64 6.68 -11.27
CA GLY A 230 15.81 5.83 -11.53
C GLY A 230 16.99 6.07 -10.60
N TYR A 231 17.09 7.30 -10.04
CA TYR A 231 18.27 7.72 -9.35
C TYR A 231 17.89 8.47 -8.05
N PRO A 232 18.73 8.41 -7.00
CA PRO A 232 18.37 9.08 -5.78
C PRO A 232 18.43 10.58 -5.89
N ALA A 233 17.47 11.23 -5.24
CA ALA A 233 17.35 12.70 -5.23
C ALA A 233 18.38 13.29 -4.22
N ASN A 234 19.66 13.07 -4.49
CA ASN A 234 20.75 13.49 -3.61
C ASN A 234 21.15 14.93 -3.95
N GLU A 235 22.26 15.41 -3.36
CA GLU A 235 22.59 16.82 -3.51
C GLU A 235 22.95 17.27 -4.93
N TYR A 236 23.51 16.37 -5.75
CA TYR A 236 23.93 16.76 -7.10
C TYR A 236 23.00 16.25 -8.19
N ALA A 237 21.79 15.84 -7.80
CA ALA A 237 20.91 15.17 -8.74
C ALA A 237 20.48 16.13 -9.82
N TYR A 238 20.35 15.64 -11.05
CA TYR A 238 19.76 16.44 -12.12
C TYR A 238 18.27 16.15 -12.10
N ARG A 239 17.46 17.19 -12.11
CA ARG A 239 16.00 17.02 -12.01
C ARG A 239 15.33 17.30 -13.30
N ARG A 240 14.30 16.51 -13.60
CA ARG A 240 13.40 16.86 -14.71
C ARG A 240 12.72 18.17 -14.40
N GLY A 241 12.36 18.91 -15.46
CA GLY A 241 11.51 20.08 -15.33
C GLY A 241 10.12 19.55 -14.99
N ILE A 242 9.31 20.37 -14.34
CA ILE A 242 7.94 19.99 -13.98
C ILE A 242 7.14 19.41 -15.13
N ALA A 243 7.28 19.97 -16.34
CA ALA A 243 6.47 19.47 -17.45
C ALA A 243 6.83 18.03 -17.86
N GLU A 244 8.02 17.56 -17.49
CA GLU A 244 8.43 16.18 -17.76
C GLU A 244 8.37 15.27 -16.49
N ALA A 245 7.88 15.80 -15.37
CA ALA A 245 7.83 15.05 -14.11
C ALA A 245 6.94 13.81 -14.28
N VAL A 246 7.21 12.76 -13.48
CA VAL A 246 6.42 11.55 -13.58
C VAL A 246 5.19 11.64 -12.74
N GLY A 247 4.05 11.29 -13.35
CA GLY A 247 2.80 10.96 -12.63
C GLY A 247 1.91 12.05 -12.07
N LEU A 248 2.18 13.31 -12.45
CA LEU A 248 1.38 14.43 -11.92
C LEU A 248 0.03 14.52 -12.65
N PRO A 249 -1.05 14.82 -11.91
CA PRO A 249 -2.35 14.99 -12.57
C PRO A 249 -2.38 16.30 -13.34
N SER A 250 -3.25 16.35 -14.35
CA SER A 250 -3.30 17.49 -15.24
C SER A 250 -4.53 18.36 -14.99
N ILE A 251 -5.40 17.91 -14.09
CA ILE A 251 -6.63 18.67 -13.74
C ILE A 251 -6.72 18.84 -12.23
N PRO A 252 -7.34 19.92 -11.78
CA PRO A 252 -7.45 20.17 -10.33
C PRO A 252 -8.34 19.19 -9.62
N VAL A 253 -7.98 18.88 -8.37
CA VAL A 253 -8.69 17.86 -7.58
C VAL A 253 -8.78 18.32 -6.13
N HIS A 254 -9.91 18.04 -5.44
CA HIS A 254 -10.02 18.48 -4.08
C HIS A 254 -10.99 17.58 -3.34
N PRO A 255 -10.70 17.21 -2.07
CA PRO A 255 -11.60 16.32 -1.34
C PRO A 255 -12.49 17.12 -0.33
N ILE A 256 -13.68 16.57 -0.07
CA ILE A 256 -14.68 17.22 0.81
C ILE A 256 -15.40 16.13 1.65
N GLY A 257 -16.04 16.58 2.73
CA GLY A 257 -16.81 15.71 3.62
C GLY A 257 -18.26 15.61 3.15
N TYR A 258 -19.04 14.76 3.80
CA TYR A 258 -20.38 14.47 3.28
C TYR A 258 -21.43 15.58 3.58
N TYR A 259 -21.18 16.45 4.54
CA TYR A 259 -22.08 17.63 4.64
C TYR A 259 -21.97 18.49 3.39
N ASP A 260 -20.73 18.75 2.95
CA ASP A 260 -20.51 19.56 1.74
C ASP A 260 -20.96 18.85 0.46
N ALA A 261 -20.70 17.53 0.39
CA ALA A 261 -21.09 16.76 -0.79
C ALA A 261 -22.61 16.79 -0.99
N GLN A 262 -23.34 16.68 0.10
CA GLN A 262 -24.80 16.73 0.06
C GLN A 262 -25.29 18.04 -0.62
N LYS A 263 -24.68 19.16 -0.28
CA LYS A 263 -24.99 20.42 -0.95
C LYS A 263 -24.68 20.41 -2.43
N LEU A 264 -23.60 19.74 -2.85
CA LEU A 264 -23.28 19.62 -4.28
C LEU A 264 -24.17 18.62 -5.01
N LEU A 265 -24.58 17.55 -4.36
CA LEU A 265 -25.28 16.48 -5.05
C LEU A 265 -26.81 16.69 -5.05
N GLU A 266 -27.31 17.41 -4.07
CA GLU A 266 -28.80 17.47 -3.91
C GLU A 266 -29.51 18.11 -5.11
N LYS A 267 -28.83 19.03 -5.79
CA LYS A 267 -29.42 19.71 -6.95
C LYS A 267 -29.21 19.00 -8.27
N MET A 268 -28.51 17.85 -8.27
CA MET A 268 -28.18 17.17 -9.53
C MET A 268 -29.37 16.65 -10.38
N GLY A 269 -29.29 16.89 -11.68
CA GLY A 269 -30.32 16.48 -12.65
C GLY A 269 -29.82 15.49 -13.68
N GLY A 270 -30.31 15.62 -14.92
CA GLY A 270 -29.95 14.66 -15.97
C GLY A 270 -30.44 13.27 -15.61
N SER A 271 -29.69 12.22 -15.97
CA SER A 271 -30.13 10.82 -15.83
C SER A 271 -30.16 10.32 -14.40
N ALA A 272 -31.12 9.43 -14.11
CA ALA A 272 -31.15 8.69 -12.86
C ALA A 272 -29.88 7.80 -12.74
N PRO A 273 -29.52 7.39 -11.51
CA PRO A 273 -28.39 6.45 -11.39
C PRO A 273 -28.81 5.16 -12.11
N PRO A 274 -27.86 4.44 -12.73
CA PRO A 274 -28.32 3.32 -13.56
C PRO A 274 -28.81 2.13 -12.73
N ASP A 275 -28.44 2.09 -11.46
CA ASP A 275 -28.83 1.03 -10.54
C ASP A 275 -28.42 1.35 -9.11
N SER A 276 -28.80 0.48 -8.17
CA SER A 276 -28.58 0.72 -6.74
C SER A 276 -27.10 0.77 -6.30
N SER A 277 -26.22 0.09 -7.03
CA SER A 277 -24.76 0.10 -6.69
C SER A 277 -24.15 1.50 -6.91
N TRP A 278 -24.93 2.40 -7.51
CA TRP A 278 -24.51 3.80 -7.73
C TRP A 278 -25.01 4.75 -6.64
N ARG A 279 -25.92 4.28 -5.79
N ARG A 279 -25.93 4.26 -5.80
CA ARG A 279 -26.48 5.12 -4.74
CA ARG A 279 -26.52 5.04 -4.70
C ARG A 279 -25.79 4.86 -3.40
C ARG A 279 -25.76 4.84 -3.39
N GLY A 280 -25.33 5.93 -2.78
CA GLY A 280 -24.77 5.91 -1.43
C GLY A 280 -25.91 6.14 -0.45
N SER A 281 -25.58 6.61 0.75
CA SER A 281 -26.52 6.71 1.86
C SER A 281 -27.03 8.11 2.14
N LEU A 282 -26.57 9.12 1.41
CA LEU A 282 -27.10 10.46 1.62
C LEU A 282 -28.54 10.57 1.09
N LYS A 283 -29.26 11.56 1.58
CA LYS A 283 -30.62 11.75 1.14
C LYS A 283 -30.68 12.62 -0.11
N VAL A 284 -30.16 12.06 -1.21
CA VAL A 284 -30.12 12.71 -2.53
C VAL A 284 -30.46 11.65 -3.57
N PRO A 285 -30.84 12.07 -4.80
CA PRO A 285 -31.19 11.03 -5.79
C PRO A 285 -30.00 10.27 -6.41
N TYR A 286 -28.80 10.85 -6.33
CA TYR A 286 -27.58 10.30 -6.97
C TYR A 286 -27.73 10.29 -8.48
N ASN A 287 -28.39 11.35 -8.98
CA ASN A 287 -28.48 11.57 -10.41
C ASN A 287 -27.11 11.78 -10.98
N VAL A 288 -26.94 11.40 -12.22
CA VAL A 288 -25.61 11.36 -12.77
C VAL A 288 -25.29 12.69 -13.44
N GLY A 289 -26.33 13.48 -13.73
CA GLY A 289 -26.11 14.74 -14.43
C GLY A 289 -26.10 14.50 -15.91
N PRO A 290 -25.41 15.36 -16.67
CA PRO A 290 -24.60 16.51 -16.25
C PRO A 290 -25.45 17.65 -15.74
N GLY A 291 -24.93 18.40 -14.78
CA GLY A 291 -25.62 19.62 -14.36
C GLY A 291 -26.77 19.44 -13.40
N PHE A 292 -27.38 20.56 -13.03
CA PHE A 292 -28.39 20.61 -11.98
C PHE A 292 -29.83 20.57 -12.61
N THR A 293 -30.84 20.24 -11.81
CA THR A 293 -32.25 20.23 -12.31
C THR A 293 -32.71 21.61 -12.80
N GLY A 294 -33.79 21.63 -13.60
CA GLY A 294 -34.31 22.83 -14.24
C GLY A 294 -34.19 24.18 -13.56
N ASN A 295 -34.64 24.28 -12.31
CA ASN A 295 -34.60 25.55 -11.57
C ASN A 295 -33.19 26.10 -11.36
N PHE A 296 -32.24 25.17 -11.19
CA PHE A 296 -30.86 25.54 -10.89
C PHE A 296 -29.94 25.29 -12.08
N SER A 297 -30.53 25.11 -13.27
CA SER A 297 -29.80 24.73 -14.47
C SER A 297 -28.70 25.71 -14.86
N THR A 298 -28.80 26.94 -14.36
CA THR A 298 -27.85 28.03 -14.70
C THR A 298 -26.72 28.22 -13.68
N GLN A 299 -26.84 27.54 -12.55
CA GLN A 299 -25.77 27.52 -11.55
C GLN A 299 -24.68 26.56 -12.05
N LYS A 300 -23.43 26.85 -11.67
CA LYS A 300 -22.28 25.99 -12.01
C LYS A 300 -21.50 25.70 -10.73
N VAL A 301 -20.54 24.76 -10.84
CA VAL A 301 -19.64 24.50 -9.72
C VAL A 301 -18.28 25.03 -10.12
N LYS A 302 -17.60 25.70 -9.20
CA LYS A 302 -16.30 26.26 -9.48
C LYS A 302 -15.29 25.82 -8.42
N MET A 303 -14.14 25.32 -8.87
CA MET A 303 -13.09 24.91 -7.93
C MET A 303 -12.11 26.06 -7.76
N HIS A 304 -11.47 26.16 -6.60
CA HIS A 304 -10.38 27.14 -6.44
C HIS A 304 -9.19 26.41 -5.82
N ILE A 305 -8.22 26.04 -6.62
CA ILE A 305 -7.10 25.25 -6.08
C ILE A 305 -5.81 26.02 -6.31
N HIS A 306 -5.08 26.25 -5.22
CA HIS A 306 -3.87 27.09 -5.25
C HIS A 306 -2.64 26.46 -4.60
N SER A 307 -2.72 25.14 -4.43
CA SER A 307 -1.61 24.36 -3.89
C SER A 307 -0.36 24.50 -4.75
N THR A 308 0.82 24.32 -4.13
CA THR A 308 2.10 24.46 -4.87
C THR A 308 2.98 23.25 -4.67
N ASN A 309 3.66 22.87 -5.73
CA ASN A 309 4.61 21.73 -5.62
C ASN A 309 5.96 22.37 -5.34
N GLU A 310 6.74 21.79 -4.45
N GLU A 310 6.71 21.81 -4.41
CA GLU A 310 8.02 22.38 -4.10
CA GLU A 310 7.99 22.39 -4.02
C GLU A 310 8.99 21.31 -3.64
C GLU A 310 8.99 21.31 -3.62
N VAL A 311 10.24 21.44 -4.08
CA VAL A 311 11.27 20.46 -3.70
C VAL A 311 11.65 20.73 -2.22
N THR A 312 11.64 19.68 -1.39
CA THR A 312 11.71 19.83 0.05
C THR A 312 12.53 18.67 0.59
N ARG A 313 13.29 18.91 1.65
CA ARG A 313 14.14 17.84 2.21
C ARG A 313 13.30 16.89 3.10
N ILE A 314 13.60 15.61 2.95
CA ILE A 314 12.97 14.53 3.75
C ILE A 314 14.09 13.71 4.39
N TYR A 315 13.77 13.00 5.45
CA TYR A 315 14.76 12.29 6.23
C TYR A 315 14.32 10.87 6.57
N ASN A 316 15.09 9.87 6.19
CA ASN A 316 14.81 8.53 6.66
C ASN A 316 15.70 8.23 7.85
N VAL A 317 15.23 7.49 8.84
CA VAL A 317 16.15 6.99 9.89
C VAL A 317 16.46 5.54 9.55
N ILE A 318 17.75 5.20 9.52
CA ILE A 318 18.19 3.84 9.13
C ILE A 318 19.07 3.31 10.27
N GLY A 319 18.60 2.28 10.94
CA GLY A 319 19.38 1.65 12.07
C GLY A 319 19.88 0.29 11.65
N THR A 320 21.06 -0.10 12.11
CA THR A 320 21.63 -1.37 11.72
C THR A 320 21.95 -2.17 12.97
N LEU A 321 21.59 -3.44 12.93
CA LEU A 321 22.06 -4.42 13.92
C LEU A 321 22.86 -5.44 13.14
N ARG A 322 24.19 -5.36 13.24
CA ARG A 322 25.07 -6.22 12.44
C ARG A 322 24.98 -7.72 12.78
N GLY A 323 24.83 -8.57 11.75
CA GLY A 323 24.76 -10.04 11.92
C GLY A 323 26.10 -10.63 12.41
N ALA A 324 25.98 -11.63 13.24
CA ALA A 324 27.17 -12.35 13.76
C ALA A 324 27.84 -13.25 12.75
N VAL A 325 27.08 -13.81 11.82
CA VAL A 325 27.60 -14.88 10.94
C VAL A 325 27.54 -14.49 9.46
N GLU A 326 26.38 -13.93 9.08
CA GLU A 326 26.17 -13.41 7.72
C GLU A 326 25.83 -11.93 7.73
N PRO A 327 26.81 -11.06 8.04
CA PRO A 327 26.53 -9.63 8.09
C PRO A 327 26.20 -9.02 6.74
N ASP A 328 26.58 -9.70 5.65
CA ASP A 328 26.21 -9.22 4.31
C ASP A 328 24.88 -9.78 3.81
N ARG A 329 23.98 -10.17 4.73
CA ARG A 329 22.60 -10.55 4.35
C ARG A 329 21.67 -9.70 5.18
N TYR A 330 20.75 -9.01 4.52
CA TYR A 330 19.97 -7.99 5.21
C TYR A 330 18.51 -8.39 5.29
N VAL A 331 17.98 -8.34 6.51
CA VAL A 331 16.55 -8.48 6.77
C VAL A 331 16.10 -7.07 7.18
N ILE A 332 15.10 -6.52 6.49
CA ILE A 332 14.73 -5.14 6.70
C ILE A 332 13.33 -5.03 7.27
N LEU A 333 13.21 -4.28 8.36
CA LEU A 333 11.90 -3.96 8.93
C LEU A 333 11.69 -2.47 8.78
N GLY A 334 10.71 -2.10 7.99
CA GLY A 334 10.51 -0.66 7.68
C GLY A 334 9.08 -0.20 7.77
N GLY A 335 8.90 1.07 8.15
CA GLY A 335 7.56 1.63 8.16
C GLY A 335 7.75 3.13 8.13
N HIS A 336 6.72 3.87 7.72
CA HIS A 336 6.90 5.33 7.62
C HIS A 336 6.51 6.06 8.91
N ARG A 337 7.04 7.28 8.98
CA ARG A 337 6.91 8.18 10.14
C ARG A 337 6.05 9.38 9.85
N ASP A 338 6.01 9.81 8.58
CA ASP A 338 5.22 11.03 8.22
C ASP A 338 3.76 10.72 8.25
N SER A 339 2.92 11.72 8.59
CA SER A 339 1.49 11.48 8.71
C SER A 339 0.86 12.69 8.05
N TRP A 340 -0.40 12.57 7.67
CA TRP A 340 -1.14 13.72 7.17
C TRP A 340 -1.42 14.72 8.30
N VAL A 341 -1.91 14.26 9.43
CA VAL A 341 -2.04 15.11 10.63
C VAL A 341 -1.42 14.38 11.81
N PHE A 342 -2.22 13.85 12.73
CA PHE A 342 -1.62 13.28 13.94
C PHE A 342 -1.16 11.84 13.76
N GLY A 343 -1.70 11.16 12.74
CA GLY A 343 -1.25 9.77 12.46
C GLY A 343 -1.53 8.73 13.55
N GLY A 344 -2.64 8.90 14.28
CA GLY A 344 -2.91 7.97 15.38
C GLY A 344 -2.96 6.53 14.96
N ILE A 345 -3.54 6.23 13.80
CA ILE A 345 -3.40 4.88 13.28
C ILE A 345 -2.30 4.89 12.18
N ASP A 346 -2.51 5.69 11.16
CA ASP A 346 -1.59 5.70 9.98
C ASP A 346 -0.61 6.90 10.10
N PRO A 347 0.66 6.66 10.43
CA PRO A 347 1.34 5.37 10.60
C PRO A 347 1.74 5.08 12.03
N GLN A 348 1.39 5.94 12.99
CA GLN A 348 2.10 5.77 14.29
C GLN A 348 1.75 4.52 15.05
N SER A 349 0.62 3.90 14.79
CA SER A 349 0.36 2.58 15.38
C SER A 349 1.32 1.53 14.90
N GLY A 350 1.80 1.69 13.67
CA GLY A 350 2.89 0.84 13.17
C GLY A 350 4.26 1.28 13.68
N ALA A 351 4.54 2.58 13.66
CA ALA A 351 5.83 3.09 14.13
C ALA A 351 6.11 2.77 15.60
N ALA A 352 5.06 2.78 16.43
CA ALA A 352 5.22 2.47 17.86
C ALA A 352 5.56 1.02 18.01
N VAL A 353 5.02 0.17 17.11
CA VAL A 353 5.33 -1.29 17.13
C VAL A 353 6.78 -1.49 16.70
N VAL A 354 7.19 -0.77 15.66
CA VAL A 354 8.57 -0.87 15.24
C VAL A 354 9.54 -0.45 16.38
N HIS A 355 9.21 0.64 17.06
CA HIS A 355 10.05 1.18 18.16
C HIS A 355 10.18 0.12 19.23
N GLU A 356 9.08 -0.53 19.59
CA GLU A 356 9.20 -1.59 20.61
C GLU A 356 9.93 -2.84 20.17
N ILE A 357 9.87 -3.16 18.87
CA ILE A 357 10.67 -4.26 18.32
C ILE A 357 12.17 -3.94 18.37
N VAL A 358 12.54 -2.70 18.01
CA VAL A 358 13.94 -2.27 18.08
C VAL A 358 14.41 -2.38 19.57
N ARG A 359 13.58 -1.88 20.48
CA ARG A 359 13.88 -1.94 21.91
C ARG A 359 14.17 -3.38 22.35
N SER A 360 13.30 -4.31 21.95
CA SER A 360 13.46 -5.72 22.30
C SER A 360 14.73 -6.33 21.73
N PHE A 361 14.99 -6.12 20.43
CA PHE A 361 16.22 -6.64 19.83
C PHE A 361 17.44 -6.04 20.52
N GLY A 362 17.34 -4.76 20.88
CA GLY A 362 18.43 -4.08 21.56
C GLY A 362 18.67 -4.63 22.96
N THR A 363 17.62 -5.05 23.64
CA THR A 363 17.78 -5.68 24.96
C THR A 363 18.60 -6.96 24.86
N LEU A 364 18.30 -7.77 23.84
CA LEU A 364 19.04 -9.02 23.63
C LEU A 364 20.48 -8.71 23.28
N LYS A 365 20.67 -7.73 22.40
CA LYS A 365 22.00 -7.31 22.01
C LYS A 365 22.86 -6.87 23.22
N LYS A 366 22.28 -6.12 24.15
CA LYS A 366 23.03 -5.69 25.35
C LYS A 366 23.45 -6.86 26.22
N GLU A 367 22.70 -7.96 26.16
CA GLU A 367 23.07 -9.22 26.85
C GLU A 367 24.06 -10.09 26.07
N GLY A 368 24.52 -9.61 24.90
CA GLY A 368 25.58 -10.30 24.17
C GLY A 368 25.16 -11.06 22.94
N TRP A 369 23.86 -11.02 22.62
CA TRP A 369 23.34 -11.76 21.49
C TRP A 369 23.45 -10.87 20.22
N ARG A 370 23.63 -11.53 19.09
CA ARG A 370 23.42 -10.84 17.78
C ARG A 370 22.69 -11.79 16.90
N PRO A 371 21.90 -11.26 15.96
CA PRO A 371 21.24 -12.12 15.01
C PRO A 371 22.26 -12.75 14.07
N ARG A 372 21.89 -13.83 13.42
CA ARG A 372 22.77 -14.45 12.43
C ARG A 372 23.09 -13.51 11.26
N ARG A 373 22.01 -12.96 10.73
CA ARG A 373 22.07 -11.99 9.62
C ARG A 373 21.85 -10.57 10.15
N THR A 374 22.26 -9.60 9.33
CA THR A 374 22.11 -8.19 9.67
C THR A 374 20.62 -7.81 9.59
N ILE A 375 20.15 -7.05 10.58
CA ILE A 375 18.79 -6.50 10.52
C ILE A 375 18.90 -5.03 10.34
N LEU A 376 18.15 -4.49 9.37
CA LEU A 376 18.10 -3.05 9.15
C LEU A 376 16.70 -2.59 9.54
N PHE A 377 16.63 -1.44 10.22
CA PHE A 377 15.33 -0.91 10.70
C PHE A 377 15.19 0.46 10.06
N ALA A 378 14.00 0.77 9.53
CA ALA A 378 13.89 2.03 8.83
C ALA A 378 12.62 2.75 9.28
N SER A 379 12.77 4.06 9.45
CA SER A 379 11.66 4.97 9.67
C SER A 379 11.63 5.87 8.42
N TRP A 380 10.73 5.56 7.48
CA TRP A 380 10.73 6.24 6.19
C TRP A 380 9.99 7.55 6.29
N ASP A 381 10.42 8.51 5.46
CA ASP A 381 9.72 9.77 5.37
C ASP A 381 8.91 9.80 4.05
N ALA A 382 7.96 10.73 3.98
CA ALA A 382 7.21 11.10 2.77
C ALA A 382 6.56 9.89 2.10
N GLU A 383 6.14 8.91 2.89
CA GLU A 383 5.35 7.80 2.33
C GLU A 383 4.08 8.36 1.73
N GLU A 384 3.48 9.31 2.43
CA GLU A 384 2.16 9.76 2.02
C GLU A 384 2.20 10.52 0.74
N PHE A 385 3.39 10.95 0.30
CA PHE A 385 3.49 11.74 -0.91
C PHE A 385 4.00 10.93 -2.09
N GLY A 386 3.94 9.60 -1.94
CA GLY A 386 4.37 8.74 -3.06
C GLY A 386 5.44 7.73 -2.76
N LEU A 387 5.53 7.28 -1.50
CA LEU A 387 6.55 6.27 -1.13
C LEU A 387 7.95 6.89 -1.40
N LEU A 388 8.08 8.17 -1.13
CA LEU A 388 9.31 8.85 -1.62
C LEU A 388 10.55 8.47 -0.87
N GLY A 389 10.46 8.42 0.43
CA GLY A 389 11.64 8.13 1.25
C GLY A 389 12.16 6.71 1.02
N SER A 390 11.26 5.71 1.03
CA SER A 390 11.74 4.33 0.85
C SER A 390 12.28 4.17 -0.58
N THR A 391 11.59 4.78 -1.54
CA THR A 391 12.01 4.56 -2.96
C THR A 391 13.35 5.25 -3.27
N GLU A 392 13.53 6.47 -2.76
CA GLU A 392 14.83 7.15 -2.97
C GLU A 392 15.96 6.37 -2.31
N TRP A 393 15.72 5.88 -1.08
CA TRP A 393 16.76 5.16 -0.40
C TRP A 393 17.09 3.83 -1.15
N ALA A 394 16.04 3.13 -1.60
CA ALA A 394 16.27 1.91 -2.36
C ALA A 394 17.00 2.23 -3.69
N GLU A 395 16.66 3.35 -4.36
CA GLU A 395 17.42 3.73 -5.58
C GLU A 395 18.90 3.97 -5.29
N GLU A 396 19.17 4.64 -4.17
CA GLU A 396 20.54 4.88 -3.73
C GLU A 396 21.29 3.56 -3.49
N ASN A 397 20.62 2.59 -2.85
CA ASN A 397 21.28 1.37 -2.32
C ASN A 397 20.92 0.13 -3.11
N SER A 398 20.42 0.31 -4.35
CA SER A 398 19.89 -0.82 -5.11
C SER A 398 20.89 -1.95 -5.31
N ARG A 399 22.18 -1.63 -5.51
CA ARG A 399 23.16 -2.69 -5.73
C ARG A 399 23.38 -3.53 -4.47
N LEU A 400 23.37 -2.88 -3.31
CA LEU A 400 23.52 -3.64 -2.05
C LEU A 400 22.25 -4.47 -1.84
N LEU A 401 21.09 -3.91 -2.18
CA LEU A 401 19.86 -4.61 -1.82
C LEU A 401 19.67 -5.79 -2.74
N GLN A 402 19.97 -5.61 -4.01
CA GLN A 402 19.71 -6.75 -4.86
C GLN A 402 20.68 -7.91 -4.66
N GLU A 403 21.90 -7.65 -4.17
CA GLU A 403 22.79 -8.80 -4.01
C GLU A 403 22.73 -9.31 -2.57
N ARG A 404 22.17 -8.53 -1.66
CA ARG A 404 22.23 -8.90 -0.22
C ARG A 404 20.87 -8.95 0.52
N GLY A 405 19.82 -8.46 -0.13
CA GLY A 405 18.48 -8.34 0.52
C GLY A 405 17.78 -9.67 0.63
N VAL A 406 17.55 -10.12 1.85
CA VAL A 406 16.81 -11.35 2.09
C VAL A 406 15.30 -11.16 2.07
N ALA A 407 14.84 -10.16 2.82
CA ALA A 407 13.42 -9.95 3.01
C ALA A 407 13.16 -8.55 3.53
N TYR A 408 11.95 -8.07 3.22
CA TYR A 408 11.46 -6.78 3.68
C TYR A 408 10.10 -7.06 4.35
N ILE A 409 9.96 -6.60 5.59
CA ILE A 409 8.66 -6.67 6.32
C ILE A 409 8.24 -5.23 6.58
N ASN A 410 7.06 -4.90 6.10
CA ASN A 410 6.57 -3.53 6.23
C ASN A 410 5.89 -3.36 7.60
N ALA A 411 5.73 -2.11 8.04
CA ALA A 411 5.12 -1.86 9.35
C ALA A 411 4.47 -0.51 9.34
N ASP A 412 3.42 -0.37 8.52
CA ASP A 412 2.58 0.79 8.65
C ASP A 412 1.49 0.37 9.67
N SER A 413 0.35 1.02 9.63
CA SER A 413 -0.74 0.85 10.61
C SER A 413 -0.80 -0.58 11.16
N SER A 414 -0.73 -0.73 12.48
CA SER A 414 -0.82 -2.06 13.10
C SER A 414 -2.28 -2.53 13.20
N ILE A 415 -3.23 -1.60 13.22
CA ILE A 415 -4.66 -1.90 13.42
C ILE A 415 -5.46 -1.08 12.42
N GLU A 416 -6.49 -1.66 11.85
CA GLU A 416 -7.47 -0.87 11.14
C GLU A 416 -8.82 -1.42 11.58
N GLY A 417 -8.79 -2.31 12.58
CA GLY A 417 -10.02 -2.90 13.16
C GLY A 417 -9.57 -3.82 14.29
N ASN A 418 -10.50 -4.55 14.91
CA ASN A 418 -10.11 -5.37 16.06
C ASN A 418 -10.67 -6.78 15.96
N TYR A 419 -10.89 -7.23 14.73
CA TYR A 419 -11.57 -8.50 14.46
C TYR A 419 -10.61 -9.66 14.26
N THR A 420 -9.66 -9.55 13.30
CA THR A 420 -8.74 -10.66 13.09
C THR A 420 -7.51 -10.18 12.33
N LEU A 421 -6.57 -11.09 12.16
CA LEU A 421 -5.35 -10.80 11.39
C LEU A 421 -5.59 -10.63 9.88
N ARG A 422 -4.77 -9.78 9.24
CA ARG A 422 -4.82 -9.60 7.78
C ARG A 422 -3.33 -9.74 7.38
N VAL A 423 -3.03 -10.54 6.37
CA VAL A 423 -1.62 -10.69 5.93
C VAL A 423 -1.59 -10.68 4.41
N ASP A 424 -0.62 -9.97 3.83
CA ASP A 424 -0.32 -10.03 2.40
C ASP A 424 1.16 -10.32 2.34
N CYS A 425 1.58 -11.28 1.53
CA CYS A 425 3.03 -11.55 1.45
C CYS A 425 3.35 -12.39 0.25
N THR A 426 4.63 -12.51 -0.07
CA THR A 426 5.01 -13.45 -1.12
C THR A 426 4.70 -14.92 -0.71
N PRO A 427 4.35 -15.77 -1.67
CA PRO A 427 4.13 -17.21 -1.31
C PRO A 427 5.36 -17.79 -0.58
N LEU A 428 6.57 -17.24 -0.80
CA LEU A 428 7.74 -17.82 -0.11
C LEU A 428 7.64 -17.71 1.40
N MET A 429 6.78 -16.82 1.91
CA MET A 429 6.61 -16.60 3.36
CA MET A 429 6.67 -16.72 3.36
C MET A 429 5.38 -17.31 3.93
N TYR A 430 4.61 -17.99 3.09
CA TYR A 430 3.35 -18.53 3.61
C TYR A 430 3.61 -19.50 4.79
N SER A 431 4.57 -20.42 4.60
CA SER A 431 4.85 -21.47 5.61
C SER A 431 5.33 -20.83 6.88
N LEU A 432 6.22 -19.83 6.73
CA LEU A 432 6.70 -19.05 7.90
C LEU A 432 5.55 -18.43 8.70
N VAL A 433 4.63 -17.76 8.00
CA VAL A 433 3.49 -17.10 8.67
C VAL A 433 2.60 -18.14 9.37
N HIS A 434 2.32 -19.25 8.67
CA HIS A 434 1.46 -20.29 9.30
C HIS A 434 2.15 -20.81 10.56
N ASN A 435 3.45 -21.13 10.47
CA ASN A 435 4.16 -21.72 11.63
C ASN A 435 4.28 -20.74 12.79
N LEU A 436 4.62 -19.48 12.52
CA LEU A 436 4.70 -18.48 13.59
C LEU A 436 3.35 -18.29 14.28
N THR A 437 2.28 -18.13 13.50
CA THR A 437 1.00 -17.81 14.13
C THR A 437 0.47 -19.00 14.96
N LYS A 438 0.93 -20.22 14.65
CA LYS A 438 0.57 -21.41 15.49
C LYS A 438 1.25 -21.36 16.86
N GLU A 439 2.30 -20.57 17.00
CA GLU A 439 3.09 -20.49 18.24
C GLU A 439 2.70 -19.24 19.04
N LEU A 440 1.89 -18.35 18.47
CA LEU A 440 1.45 -17.14 19.16
C LEU A 440 0.06 -17.27 19.78
N LYS A 441 -0.16 -16.60 20.90
CA LYS A 441 -1.47 -16.62 21.56
C LYS A 441 -2.48 -15.72 20.84
N SER A 442 -3.71 -16.19 20.66
CA SER A 442 -4.76 -15.30 20.16
C SER A 442 -5.14 -14.22 21.18
N PRO A 443 -5.28 -12.96 20.71
CA PRO A 443 -5.74 -11.96 21.67
C PRO A 443 -7.28 -11.85 21.71
N ASP A 444 -7.99 -12.66 20.90
CA ASP A 444 -9.39 -12.40 20.62
C ASP A 444 -10.26 -12.94 21.76
N GLU A 445 -11.34 -12.24 22.02
N GLU A 445 -11.35 -12.25 22.06
CA GLU A 445 -12.34 -12.73 22.96
CA GLU A 445 -12.29 -12.75 23.06
C GLU A 445 -12.92 -14.05 22.43
C GLU A 445 -13.02 -13.99 22.51
N GLY A 446 -13.04 -15.05 23.32
CA GLY A 446 -13.61 -16.33 22.91
C GLY A 446 -12.56 -17.34 22.52
N PHE A 447 -11.31 -16.89 22.35
CA PHE A 447 -10.21 -17.76 21.93
C PHE A 447 -9.09 -17.72 22.94
N GLU A 448 -9.41 -17.43 24.19
CA GLU A 448 -8.34 -17.40 25.18
C GLU A 448 -7.74 -18.80 25.32
N GLY A 449 -6.41 -18.86 25.33
CA GLY A 449 -5.70 -20.15 25.36
C GLY A 449 -5.57 -20.86 24.00
N LYS A 450 -6.12 -20.25 22.95
CA LYS A 450 -6.02 -20.79 21.61
C LYS A 450 -4.92 -20.01 20.83
N SER A 451 -4.45 -20.58 19.75
CA SER A 451 -3.36 -19.97 18.97
C SER A 451 -3.94 -18.85 18.11
N LEU A 452 -3.09 -17.91 17.68
CA LEU A 452 -3.56 -16.88 16.74
C LEU A 452 -3.96 -17.58 15.42
N TYR A 453 -3.26 -18.67 15.07
CA TYR A 453 -3.55 -19.39 13.82
C TYR A 453 -5.01 -19.86 13.85
N GLU A 454 -5.39 -20.40 15.00
CA GLU A 454 -6.75 -20.93 15.15
C GLU A 454 -7.81 -19.84 15.01
N SER A 455 -7.62 -18.72 15.70
CA SER A 455 -8.60 -17.63 15.60
C SER A 455 -8.65 -17.02 14.20
N TRP A 456 -7.47 -16.78 13.63
CA TRP A 456 -7.38 -16.19 12.31
C TRP A 456 -8.03 -17.10 11.26
N THR A 457 -7.76 -18.41 11.34
CA THR A 457 -8.31 -19.37 10.38
C THR A 457 -9.84 -19.44 10.49
N LYS A 458 -10.33 -19.34 11.72
CA LYS A 458 -11.76 -19.38 11.98
C LYS A 458 -12.45 -18.14 11.39
N LYS A 459 -11.87 -16.97 11.60
CA LYS A 459 -12.50 -15.70 11.20
C LYS A 459 -12.27 -15.30 9.76
N SER A 460 -11.15 -15.76 9.19
CA SER A 460 -10.77 -15.42 7.81
C SER A 460 -10.30 -16.66 7.05
N PRO A 461 -11.25 -17.59 6.74
CA PRO A 461 -10.82 -18.82 6.09
C PRO A 461 -10.33 -18.60 4.67
N SER A 462 -9.36 -19.42 4.30
CA SER A 462 -8.88 -19.45 2.94
C SER A 462 -10.03 -19.78 1.99
N PRO A 463 -10.12 -19.08 0.85
CA PRO A 463 -11.17 -19.45 -0.14
C PRO A 463 -10.88 -20.78 -0.89
N GLU A 464 -9.62 -21.22 -0.92
CA GLU A 464 -9.30 -22.54 -1.48
C GLU A 464 -9.30 -23.70 -0.47
N PHE A 465 -8.52 -23.59 0.60
CA PHE A 465 -8.26 -24.72 1.49
C PHE A 465 -8.93 -24.64 2.85
N SER A 466 -9.64 -25.70 3.21
CA SER A 466 -10.24 -25.76 4.52
C SER A 466 -9.11 -25.90 5.55
N GLY A 467 -9.27 -25.26 6.70
CA GLY A 467 -8.29 -25.40 7.80
C GLY A 467 -7.08 -24.48 7.67
N MET A 468 -7.11 -23.62 6.65
CA MET A 468 -6.07 -22.60 6.42
C MET A 468 -6.67 -21.19 6.35
N PRO A 469 -5.88 -20.15 6.71
CA PRO A 469 -6.36 -18.77 6.68
C PRO A 469 -6.11 -18.11 5.32
N ARG A 470 -6.78 -16.99 5.10
CA ARG A 470 -6.59 -16.24 3.88
C ARG A 470 -5.28 -15.43 3.98
N ILE A 471 -4.45 -15.56 2.95
CA ILE A 471 -3.31 -14.62 2.78
C ILE A 471 -3.40 -14.06 1.36
N SER A 472 -3.32 -12.74 1.21
CA SER A 472 -3.54 -12.10 -0.07
C SER A 472 -2.22 -11.75 -0.75
N LYS A 473 -2.35 -11.34 -2.00
N LYS A 473 -2.28 -11.45 -2.04
CA LYS A 473 -1.23 -10.91 -2.84
CA LYS A 473 -1.07 -11.05 -2.76
C LYS A 473 -0.81 -9.54 -2.35
C LYS A 473 -0.81 -9.57 -2.51
N LEU A 474 0.46 -9.20 -2.47
CA LEU A 474 0.88 -7.82 -2.26
C LEU A 474 0.46 -6.97 -3.43
N GLY A 475 -0.10 -5.79 -3.17
CA GLY A 475 -0.32 -4.79 -4.25
C GLY A 475 0.66 -3.65 -4.14
N SER A 476 0.14 -2.46 -3.90
CA SER A 476 1.02 -1.34 -3.60
C SER A 476 0.30 -0.33 -2.69
N GLY A 477 0.78 0.91 -2.65
CA GLY A 477 0.22 1.91 -1.72
C GLY A 477 0.93 1.85 -0.38
N ASN A 478 2.06 1.13 -0.34
CA ASN A 478 2.92 1.26 0.84
C ASN A 478 4.38 0.97 0.54
N ASP A 479 5.26 1.10 1.55
CA ASP A 479 6.71 1.27 1.27
C ASP A 479 7.42 -0.02 0.86
N PHE A 480 6.72 -1.15 0.85
CA PHE A 480 7.32 -2.39 0.38
C PHE A 480 7.42 -2.37 -1.17
N GLU A 481 6.75 -1.41 -1.84
CA GLU A 481 6.61 -1.51 -3.31
C GLU A 481 7.96 -1.54 -4.02
N VAL A 482 8.90 -0.68 -3.65
CA VAL A 482 10.19 -0.69 -4.38
C VAL A 482 10.95 -2.00 -4.14
N PHE A 483 10.88 -2.47 -2.89
CA PHE A 483 11.62 -3.70 -2.59
C PHE A 483 11.09 -4.92 -3.30
N PHE A 484 9.76 -5.02 -3.37
CA PHE A 484 9.13 -6.20 -4.01
C PHE A 484 8.97 -6.10 -5.53
N GLN A 485 8.29 -5.03 -5.97
CA GLN A 485 7.91 -4.93 -7.38
C GLN A 485 9.08 -4.46 -8.27
N ARG A 486 9.97 -3.64 -7.73
CA ARG A 486 11.18 -3.24 -8.48
C ARG A 486 12.36 -4.13 -8.32
N LEU A 487 12.73 -4.44 -7.07
CA LEU A 487 13.98 -5.16 -6.83
C LEU A 487 13.85 -6.67 -6.65
N GLY A 488 12.66 -7.15 -6.39
CA GLY A 488 12.40 -8.60 -6.29
C GLY A 488 12.96 -9.17 -4.97
N ILE A 489 12.73 -8.44 -3.89
CA ILE A 489 13.08 -8.94 -2.51
C ILE A 489 11.76 -9.43 -1.89
N ALA A 490 11.80 -10.64 -1.34
CA ALA A 490 10.63 -11.27 -0.70
C ALA A 490 10.08 -10.28 0.32
N SER A 491 8.77 -10.00 0.31
CA SER A 491 8.24 -8.97 1.18
C SER A 491 6.97 -9.47 1.86
N GLY A 492 6.63 -8.90 3.01
CA GLY A 492 5.35 -9.26 3.68
C GLY A 492 4.83 -8.09 4.53
N ARG A 493 3.57 -8.20 4.96
CA ARG A 493 3.00 -7.21 5.86
C ARG A 493 1.84 -7.93 6.59
N ALA A 494 1.48 -7.43 7.78
CA ALA A 494 0.44 -8.06 8.61
C ALA A 494 -0.10 -6.98 9.52
N ARG A 495 -1.41 -6.99 9.73
CA ARG A 495 -2.03 -6.06 10.69
C ARG A 495 -3.32 -6.66 11.22
N TYR A 496 -3.88 -6.05 12.24
CA TYR A 496 -5.24 -6.41 12.64
C TYR A 496 -6.26 -5.62 11.84
N THR A 497 -7.39 -6.27 11.50
CA THR A 497 -8.35 -5.68 10.57
C THR A 497 -9.79 -5.88 11.08
N LYS A 498 -10.72 -5.32 10.34
CA LYS A 498 -12.15 -5.46 10.62
C LYS A 498 -12.76 -6.65 9.88
N ASN A 499 -14.04 -6.86 10.13
CA ASN A 499 -14.88 -7.72 9.29
C ASN A 499 -15.76 -6.76 8.46
N TRP A 500 -15.25 -6.34 7.29
CA TRP A 500 -16.01 -5.47 6.34
C TRP A 500 -15.48 -5.62 4.91
N GLU A 501 -15.79 -6.76 4.28
CA GLU A 501 -15.09 -7.23 3.09
C GLU A 501 -15.17 -6.28 1.90
N THR A 502 -16.34 -5.71 1.64
CA THR A 502 -16.53 -4.78 0.50
C THR A 502 -15.78 -3.46 0.71
N ASN A 503 -15.29 -3.27 1.93
CA ASN A 503 -14.55 -2.08 2.21
C ASN A 503 -13.06 -2.33 2.39
N LYS A 504 -12.55 -3.45 1.84
CA LYS A 504 -11.16 -3.81 2.13
C LYS A 504 -10.12 -2.89 1.49
N PHE A 505 -10.51 -2.07 0.50
CA PHE A 505 -9.58 -1.05 -0.03
C PHE A 505 -10.00 0.39 0.27
N SER A 506 -11.03 0.60 1.08
CA SER A 506 -11.53 1.95 1.25
CA SER A 506 -11.53 1.96 1.26
C SER A 506 -10.89 2.72 2.42
N GLY A 507 -10.27 1.99 3.37
CA GLY A 507 -9.77 2.59 4.61
C GLY A 507 -10.87 2.57 5.68
N TYR A 508 -10.44 2.63 6.95
CA TYR A 508 -11.36 2.76 8.10
C TYR A 508 -11.99 4.17 8.04
N PRO A 509 -13.07 4.40 8.80
CA PRO A 509 -13.80 5.64 8.58
C PRO A 509 -12.97 6.93 8.76
N LEU A 510 -12.05 6.96 9.71
CA LEU A 510 -11.33 8.22 10.00
C LEU A 510 -9.98 8.25 9.30
N TYR A 511 -9.80 7.32 8.35
CA TYR A 511 -8.55 7.31 7.52
C TYR A 511 -8.17 8.69 6.95
N HIS A 512 -6.95 9.13 7.25
CA HIS A 512 -6.33 10.37 6.69
C HIS A 512 -7.07 11.68 7.06
N SER A 513 -7.81 11.59 8.15
CA SER A 513 -8.53 12.74 8.69
C SER A 513 -7.83 13.26 9.99
N VAL A 514 -8.20 14.49 10.39
CA VAL A 514 -7.67 15.13 11.60
C VAL A 514 -8.14 14.31 12.83
N TYR A 515 -9.17 13.47 12.68
CA TYR A 515 -9.71 12.72 13.83
C TYR A 515 -8.94 11.45 14.19
N GLU A 516 -7.94 11.08 13.36
CA GLU A 516 -7.16 9.87 13.64
C GLU A 516 -6.13 10.24 14.69
N THR A 517 -6.46 10.03 15.96
CA THR A 517 -5.67 10.52 17.09
C THR A 517 -5.33 9.38 18.04
N TYR A 518 -4.48 9.67 19.02
CA TYR A 518 -4.22 8.75 20.09
C TYR A 518 -5.55 8.30 20.77
N GLU A 519 -6.44 9.26 20.99
CA GLU A 519 -7.69 8.94 21.72
C GLU A 519 -8.59 8.00 20.94
N LEU A 520 -8.62 8.17 19.61
CA LEU A 520 -9.26 7.20 18.75
C LEU A 520 -8.83 5.79 19.05
N VAL A 521 -7.51 5.59 19.12
CA VAL A 521 -6.97 4.23 19.29
C VAL A 521 -7.24 3.71 20.71
N GLU A 522 -6.87 4.54 21.68
CA GLU A 522 -6.94 4.15 23.08
C GLU A 522 -8.39 3.96 23.55
N LYS A 523 -9.33 4.74 23.01
CA LYS A 523 -10.73 4.57 23.47
C LYS A 523 -11.48 3.52 22.68
N PHE A 524 -11.29 3.48 21.36
CA PHE A 524 -12.22 2.71 20.52
C PHE A 524 -11.62 1.49 19.82
N TYR A 525 -10.31 1.47 19.61
CA TYR A 525 -9.73 0.35 18.88
C TYR A 525 -9.06 -0.68 19.73
N ASP A 526 -8.23 -0.24 20.66
CA ASP A 526 -7.32 -1.18 21.34
C ASP A 526 -6.89 -0.67 22.71
N PRO A 527 -7.86 -0.52 23.63
CA PRO A 527 -7.59 0.08 24.92
C PRO A 527 -6.49 -0.60 25.72
N MET A 528 -6.39 -1.93 25.61
CA MET A 528 -5.34 -2.69 26.32
CA MET A 528 -5.36 -2.74 26.30
C MET A 528 -4.05 -2.86 25.49
N PHE A 529 -4.08 -2.38 24.25
CA PHE A 529 -2.91 -2.52 23.35
C PHE A 529 -2.52 -3.98 23.09
N LYS A 530 -3.50 -4.86 23.24
CA LYS A 530 -3.26 -6.27 23.01
C LYS A 530 -3.22 -6.63 21.52
N TYR A 531 -3.97 -5.92 20.69
CA TYR A 531 -3.92 -6.19 19.24
C TYR A 531 -2.59 -5.64 18.70
N HIS A 532 -2.20 -4.45 19.15
CA HIS A 532 -0.84 -3.93 18.84
C HIS A 532 0.24 -4.94 19.25
N LEU A 533 0.10 -5.52 20.44
CA LEU A 533 1.12 -6.40 20.87
C LEU A 533 1.16 -7.66 19.98
N THR A 534 -0.01 -8.19 19.63
CA THR A 534 -0.05 -9.35 18.75
C THR A 534 0.60 -9.02 17.39
N VAL A 535 0.26 -7.87 16.82
CA VAL A 535 0.94 -7.45 15.57
C VAL A 535 2.45 -7.28 15.74
N ALA A 536 2.90 -6.79 16.89
CA ALA A 536 4.35 -6.73 17.14
C ALA A 536 4.99 -8.12 17.17
N GLN A 537 4.29 -9.10 17.77
CA GLN A 537 4.80 -10.46 17.77
C GLN A 537 4.83 -11.09 16.38
N VAL A 538 3.85 -10.79 15.52
CA VAL A 538 3.86 -11.29 14.14
C VAL A 538 5.01 -10.62 13.36
N ARG A 539 5.05 -9.29 13.34
CA ARG A 539 6.07 -8.63 12.50
C ARG A 539 7.42 -8.94 13.06
N GLY A 540 7.57 -8.79 14.37
CA GLY A 540 8.86 -9.06 15.02
C GLY A 540 9.33 -10.50 14.93
N GLY A 541 8.40 -11.42 15.09
CA GLY A 541 8.67 -12.83 14.94
C GLY A 541 9.14 -13.18 13.53
N MET A 542 8.54 -12.55 12.52
CA MET A 542 8.94 -12.86 11.15
CA MET A 542 8.92 -12.80 11.14
C MET A 542 10.36 -12.39 10.97
N VAL A 543 10.66 -11.18 11.44
CA VAL A 543 12.03 -10.62 11.31
C VAL A 543 13.06 -11.50 12.03
N PHE A 544 12.71 -11.92 13.26
CA PHE A 544 13.57 -12.81 14.01
C PHE A 544 13.90 -14.11 13.27
N GLU A 545 12.88 -14.80 12.78
CA GLU A 545 13.09 -16.05 12.03
C GLU A 545 13.89 -15.79 10.75
N LEU A 546 13.54 -14.74 10.00
CA LEU A 546 14.33 -14.44 8.78
C LEU A 546 15.78 -14.13 9.06
N ALA A 547 16.04 -13.43 10.18
CA ALA A 547 17.39 -13.02 10.48
C ALA A 547 18.17 -14.11 11.24
N ASN A 548 17.46 -15.10 11.78
CA ASN A 548 18.17 -16.12 12.62
C ASN A 548 18.15 -17.54 12.21
N SER A 549 17.16 -17.93 11.42
CA SER A 549 17.08 -19.33 10.98
C SER A 549 18.30 -19.75 10.17
N ILE A 550 18.87 -20.92 10.45
CA ILE A 550 20.04 -21.32 9.66
C ILE A 550 19.78 -21.44 8.17
N VAL A 551 18.70 -22.15 7.84
CA VAL A 551 18.22 -22.20 6.45
C VAL A 551 17.17 -21.11 6.40
N LEU A 552 17.20 -20.27 5.37
CA LEU A 552 16.11 -19.27 5.22
C LEU A 552 14.72 -19.90 5.23
N PRO A 553 13.75 -19.27 5.95
CA PRO A 553 12.44 -19.91 6.17
C PRO A 553 11.46 -19.64 4.99
N PHE A 554 11.92 -19.96 3.78
CA PHE A 554 11.12 -19.81 2.55
C PHE A 554 10.80 -21.17 1.98
N ASP A 555 9.58 -21.37 1.49
CA ASP A 555 9.23 -22.68 0.88
C ASP A 555 8.89 -22.45 -0.60
N CYS A 556 9.82 -22.80 -1.50
CA CYS A 556 9.55 -22.63 -2.94
C CYS A 556 8.36 -23.42 -3.46
N ARG A 557 7.97 -24.51 -2.82
CA ARG A 557 6.81 -25.28 -3.30
C ARG A 557 5.50 -24.48 -3.22
N ASP A 558 5.42 -23.55 -2.28
CA ASP A 558 4.25 -22.68 -2.18
C ASP A 558 4.15 -21.76 -3.40
N TYR A 559 5.28 -21.35 -3.98
CA TYR A 559 5.20 -20.50 -5.19
C TYR A 559 4.64 -21.39 -6.30
N ALA A 560 5.06 -22.66 -6.34
CA ALA A 560 4.59 -23.55 -7.44
C ALA A 560 3.05 -23.70 -7.41
N VAL A 561 2.49 -23.82 -6.21
CA VAL A 561 1.03 -23.95 -6.03
C VAL A 561 0.31 -22.69 -6.56
N VAL A 562 0.77 -21.52 -6.14
CA VAL A 562 0.08 -20.29 -6.65
C VAL A 562 0.26 -20.04 -8.13
N LEU A 563 1.43 -20.39 -8.67
CA LEU A 563 1.68 -20.17 -10.11
C LEU A 563 0.67 -20.94 -10.92
N ARG A 564 0.29 -22.16 -10.44
CA ARG A 564 -0.75 -22.94 -11.15
C ARG A 564 -2.12 -22.29 -11.07
N LYS A 565 -2.48 -21.80 -9.88
CA LYS A 565 -3.68 -21.03 -9.67
C LYS A 565 -3.74 -19.80 -10.59
N TYR A 566 -2.63 -19.03 -10.69
CA TYR A 566 -2.66 -17.80 -11.48
C TYR A 566 -2.68 -18.18 -12.95
N ALA A 567 -2.04 -19.29 -13.33
CA ALA A 567 -2.07 -19.72 -14.74
C ALA A 567 -3.50 -20.12 -15.14
N ASP A 568 -4.16 -20.91 -14.28
CA ASP A 568 -5.59 -21.28 -14.53
C ASP A 568 -6.47 -20.02 -14.67
N LYS A 569 -6.21 -19.02 -13.82
CA LYS A 569 -7.03 -17.83 -13.82
C LYS A 569 -6.86 -17.04 -15.11
N ILE A 570 -5.62 -16.84 -15.52
CA ILE A 570 -5.40 -16.03 -16.74
C ILE A 570 -5.89 -16.80 -18.00
N TYR A 571 -5.67 -18.13 -18.03
CA TYR A 571 -6.24 -18.97 -19.09
C TYR A 571 -7.78 -18.80 -19.17
N SER A 572 -8.45 -18.77 -18.03
CA SER A 572 -9.91 -18.67 -18.00
C SER A 572 -10.39 -17.32 -18.54
N ILE A 573 -9.62 -16.24 -18.30
CA ILE A 573 -9.97 -14.95 -18.84
C ILE A 573 -9.87 -14.96 -20.35
N SER A 574 -8.81 -15.56 -20.87
CA SER A 574 -8.56 -15.62 -22.30
C SER A 574 -9.64 -16.44 -22.98
N MET A 575 -10.01 -17.52 -22.31
CA MET A 575 -11.03 -18.46 -22.88
C MET A 575 -12.45 -17.88 -22.98
N LYS A 576 -12.67 -16.67 -22.48
CA LYS A 576 -13.90 -15.91 -22.81
C LYS A 576 -13.95 -15.50 -24.29
N HIS A 577 -12.84 -15.69 -25.02
CA HIS A 577 -12.67 -15.25 -26.43
C HIS A 577 -12.19 -16.43 -27.30
N PRO A 578 -12.94 -17.55 -27.31
CA PRO A 578 -12.46 -18.74 -27.97
C PRO A 578 -12.23 -18.56 -29.46
N GLN A 579 -13.07 -17.75 -30.14
CA GLN A 579 -12.87 -17.57 -31.59
C GLN A 579 -11.54 -16.85 -31.90
N GLU A 580 -11.22 -15.84 -31.10
CA GLU A 580 -9.92 -15.18 -31.28
C GLU A 580 -8.75 -16.07 -30.97
N MET A 581 -8.87 -16.89 -29.93
CA MET A 581 -7.77 -17.79 -29.61
C MET A 581 -7.54 -18.76 -30.76
N LYS A 582 -8.62 -19.21 -31.44
CA LYS A 582 -8.45 -20.04 -32.64
C LYS A 582 -7.79 -19.28 -33.81
N THR A 583 -8.30 -18.10 -34.12
CA THR A 583 -7.84 -17.30 -35.25
C THR A 583 -6.39 -16.92 -35.13
N TYR A 584 -5.99 -16.51 -33.92
CA TYR A 584 -4.61 -16.04 -33.72
C TYR A 584 -3.69 -17.10 -33.09
N SER A 585 -4.18 -18.34 -32.94
CA SER A 585 -3.37 -19.45 -32.41
C SER A 585 -2.78 -19.07 -31.05
N VAL A 586 -3.65 -18.65 -30.15
CA VAL A 586 -3.19 -18.17 -28.82
C VAL A 586 -3.15 -19.40 -27.90
N SER A 587 -1.94 -19.83 -27.59
CA SER A 587 -1.77 -21.02 -26.75
C SER A 587 -1.13 -20.68 -25.40
N PHE A 588 -1.68 -21.23 -24.33
CA PHE A 588 -1.06 -21.09 -22.99
C PHE A 588 -0.21 -22.30 -22.66
N ASP A 589 -0.03 -23.21 -23.63
CA ASP A 589 0.80 -24.42 -23.38
C ASP A 589 2.18 -24.14 -22.78
N SER A 590 2.91 -23.11 -23.29
CA SER A 590 4.24 -22.84 -22.77
C SER A 590 4.16 -22.42 -21.30
N LEU A 591 3.16 -21.65 -20.95
CA LEU A 591 3.05 -21.19 -19.57
C LEU A 591 2.74 -22.36 -18.61
N PHE A 592 1.82 -23.24 -19.01
CA PHE A 592 1.57 -24.39 -18.18
C PHE A 592 2.75 -25.32 -18.08
N SER A 593 3.46 -25.49 -19.20
CA SER A 593 4.72 -26.26 -19.18
C SER A 593 5.74 -25.71 -18.20
N ALA A 594 5.91 -24.37 -18.22
CA ALA A 594 6.85 -23.75 -17.29
C ALA A 594 6.43 -23.96 -15.83
N VAL A 595 5.14 -23.83 -15.58
CA VAL A 595 4.61 -24.00 -14.19
C VAL A 595 4.83 -25.45 -13.74
N LYS A 596 4.55 -26.41 -14.63
CA LYS A 596 4.83 -27.84 -14.33
C LYS A 596 6.30 -28.10 -14.03
N ASN A 597 7.20 -27.51 -14.83
CA ASN A 597 8.63 -27.64 -14.59
C ASN A 597 9.03 -27.01 -13.25
N PHE A 598 8.47 -25.82 -12.95
CA PHE A 598 8.76 -25.18 -11.71
C PHE A 598 8.34 -26.10 -10.53
N THR A 599 7.18 -26.71 -10.65
CA THR A 599 6.66 -27.60 -9.60
C THR A 599 7.62 -28.77 -9.35
N GLU A 600 8.10 -29.39 -10.45
CA GLU A 600 9.01 -30.54 -10.37
C GLU A 600 10.35 -30.16 -9.77
N ILE A 601 10.91 -29.05 -10.26
CA ILE A 601 12.23 -28.63 -9.83
C ILE A 601 12.17 -28.19 -8.37
N ALA A 602 11.11 -27.47 -8.00
CA ALA A 602 10.93 -26.99 -6.60
C ALA A 602 10.84 -28.20 -5.65
N SER A 603 10.08 -29.20 -6.08
CA SER A 603 9.98 -30.42 -5.25
C SER A 603 11.35 -31.08 -5.05
N LYS A 604 12.15 -31.21 -6.10
CA LYS A 604 13.50 -31.77 -5.98
C LYS A 604 14.42 -30.89 -5.13
N PHE A 605 14.34 -29.56 -5.28
CA PHE A 605 15.13 -28.67 -4.46
C PHE A 605 14.78 -28.81 -2.97
N SER A 606 13.49 -28.93 -2.66
CA SER A 606 13.04 -29.08 -1.28
C SER A 606 13.65 -30.34 -0.66
N GLU A 607 13.67 -31.40 -1.45
CA GLU A 607 14.28 -32.67 -0.99
C GLU A 607 15.77 -32.48 -0.65
N ARG A 608 16.52 -31.80 -1.52
CA ARG A 608 17.94 -31.54 -1.25
C ARG A 608 18.10 -30.66 -0.04
N LEU A 609 17.19 -29.69 0.14
CA LEU A 609 17.31 -28.75 1.24
C LEU A 609 17.13 -29.48 2.57
N GLN A 610 16.32 -30.53 2.56
CA GLN A 610 16.11 -31.31 3.76
C GLN A 610 17.22 -32.32 4.01
N ASP A 611 18.00 -32.63 2.97
CA ASP A 611 18.99 -33.74 2.92
C ASP A 611 20.51 -33.44 3.00
N PHE A 612 20.95 -32.20 3.30
CA PHE A 612 22.40 -31.83 3.41
C PHE A 612 22.88 -31.48 4.87
N SER A 615 26.51 -30.37 7.78
N SER A 615 26.50 -27.63 8.80
CA SER A 615 27.73 -29.74 8.21
CA SER A 615 27.77 -27.15 9.37
C SER A 615 28.46 -28.82 7.20
C SER A 615 28.88 -26.96 8.30
N ASN A 616 27.94 -28.67 5.98
N ASN A 616 28.54 -27.17 7.04
CA ASN A 616 28.66 -27.96 4.93
CA ASN A 616 29.47 -26.78 5.98
C ASN A 616 28.09 -26.55 4.69
C ASN A 616 29.17 -25.33 5.58
N PRO A 617 28.86 -25.53 5.05
N PRO A 617 30.00 -24.35 5.99
CA PRO A 617 28.26 -24.21 5.13
CA PRO A 617 29.58 -22.95 5.66
C PRO A 617 28.24 -23.60 3.75
C PRO A 617 29.34 -22.61 4.18
N ILE A 618 29.08 -24.11 2.84
N ILE A 618 30.17 -23.09 3.23
CA ILE A 618 29.06 -23.67 1.43
CA ILE A 618 29.93 -22.68 1.82
C ILE A 618 27.75 -24.16 0.76
C ILE A 618 28.75 -23.42 1.22
N VAL A 619 27.42 -25.42 0.95
N VAL A 619 28.60 -24.70 1.56
CA VAL A 619 26.20 -25.97 0.39
CA VAL A 619 27.41 -25.40 1.09
C VAL A 619 25.00 -25.27 1.02
C VAL A 619 26.10 -24.75 1.58
N LEU A 620 25.08 -25.00 2.32
N LEU A 620 26.03 -24.35 2.85
CA LEU A 620 24.01 -24.30 3.03
CA LEU A 620 24.85 -23.70 3.40
C LEU A 620 23.83 -22.92 2.39
C LEU A 620 24.66 -22.34 2.69
N ARG A 621 24.93 -22.17 2.26
N ARG A 621 25.77 -21.69 2.40
CA ARG A 621 24.84 -20.79 1.79
CA ARG A 621 25.69 -20.42 1.65
C ARG A 621 24.50 -20.82 0.33
C ARG A 621 25.05 -20.54 0.24
N MET A 622 25.17 -21.70 -0.44
CA MET A 622 24.69 -21.95 -1.84
CA MET A 622 24.69 -21.87 -1.82
C MET A 622 23.18 -22.12 -1.85
N MET A 623 22.65 -22.95 -0.92
CA MET A 623 21.23 -23.18 -0.92
C MET A 623 20.46 -21.96 -0.40
N ASN A 624 21.06 -21.27 0.58
CA ASN A 624 20.37 -20.04 1.05
C ASN A 624 20.36 -19.01 -0.07
N ASP A 625 21.43 -18.93 -0.84
CA ASP A 625 21.44 -17.98 -2.00
C ASP A 625 20.38 -18.36 -3.02
N GLN A 626 20.22 -19.66 -3.29
CA GLN A 626 19.11 -20.10 -4.16
C GLN A 626 17.76 -19.66 -3.66
N LEU A 627 17.54 -19.78 -2.35
CA LEU A 627 16.28 -19.32 -1.76
C LEU A 627 16.11 -17.79 -1.84
N MET A 628 17.18 -17.05 -1.56
CA MET A 628 17.09 -15.57 -1.50
C MET A 628 16.87 -15.04 -2.92
N PHE A 629 17.57 -15.65 -3.85
CA PHE A 629 17.48 -15.15 -5.28
C PHE A 629 16.30 -15.69 -6.06
N LEU A 630 15.47 -16.54 -5.45
CA LEU A 630 14.28 -17.02 -6.16
C LEU A 630 13.28 -15.89 -6.43
N GLU A 631 12.91 -15.10 -5.42
CA GLU A 631 12.07 -13.93 -5.70
C GLU A 631 12.75 -13.04 -6.78
N ARG A 632 14.05 -12.86 -6.73
CA ARG A 632 14.77 -12.00 -7.65
C ARG A 632 14.63 -12.53 -9.09
N ALA A 633 14.48 -13.86 -9.24
CA ALA A 633 14.38 -14.41 -10.59
C ALA A 633 13.13 -14.01 -11.34
N PHE A 634 12.10 -13.57 -10.61
CA PHE A 634 10.88 -13.13 -11.28
C PHE A 634 10.98 -11.73 -11.80
N ILE A 635 12.10 -11.05 -11.61
CA ILE A 635 12.26 -9.67 -12.10
C ILE A 635 12.66 -9.70 -13.58
N ASP A 636 11.97 -8.92 -14.42
CA ASP A 636 12.40 -8.71 -15.81
C ASP A 636 13.06 -7.33 -15.91
N PRO A 637 14.30 -7.27 -16.33
CA PRO A 637 14.96 -5.95 -16.30
C PRO A 637 14.33 -4.96 -17.28
N LEU A 638 13.52 -5.45 -18.21
CA LEU A 638 12.89 -4.50 -19.15
C LEU A 638 11.55 -3.91 -18.60
N GLY A 639 11.10 -4.40 -17.44
CA GLY A 639 9.89 -3.92 -16.81
C GLY A 639 8.63 -4.36 -17.54
N LEU A 640 7.47 -3.96 -17.04
CA LEU A 640 6.19 -4.22 -17.71
C LEU A 640 5.93 -3.09 -18.69
N PRO A 641 5.08 -3.34 -19.70
CA PRO A 641 4.77 -2.32 -20.73
C PRO A 641 4.37 -0.94 -20.18
N ASP A 642 5.16 0.08 -20.55
CA ASP A 642 5.03 1.47 -20.11
C ASP A 642 5.07 1.67 -18.61
N ARG A 643 5.53 0.63 -17.89
CA ARG A 643 5.73 0.75 -16.42
C ARG A 643 7.07 0.14 -16.09
N PRO A 644 8.15 0.86 -16.40
CA PRO A 644 9.47 0.29 -16.29
C PRO A 644 9.94 -0.01 -14.88
N PHE A 645 9.33 0.59 -13.87
CA PHE A 645 9.71 0.29 -12.47
C PHE A 645 8.85 -0.78 -11.80
N TYR A 646 7.90 -1.33 -12.57
CA TYR A 646 7.22 -2.55 -12.09
C TYR A 646 7.87 -3.69 -12.88
N ARG A 647 8.76 -4.46 -12.23
N ARG A 647 8.79 -4.43 -12.24
CA ARG A 647 9.57 -5.41 -12.98
CA ARG A 647 9.60 -5.42 -12.97
C ARG A 647 9.21 -6.88 -12.69
C ARG A 647 9.34 -6.88 -12.57
N HIS A 648 8.40 -7.12 -11.65
CA HIS A 648 8.09 -8.50 -11.21
C HIS A 648 7.07 -9.03 -12.23
N VAL A 649 7.32 -10.18 -12.80
CA VAL A 649 6.47 -10.71 -13.91
C VAL A 649 5.25 -11.41 -13.32
N ILE A 650 5.32 -11.86 -12.07
CA ILE A 650 4.17 -12.54 -11.49
C ILE A 650 3.19 -11.57 -10.86
N TYR A 651 3.67 -10.51 -10.21
CA TYR A 651 2.81 -9.60 -9.46
C TYR A 651 3.07 -8.17 -9.85
N ALA A 652 2.03 -7.38 -10.07
CA ALA A 652 2.18 -5.90 -10.10
C ALA A 652 0.92 -5.27 -9.52
N PRO A 653 1.00 -4.00 -9.11
CA PRO A 653 -0.20 -3.33 -8.65
C PRO A 653 -1.14 -3.27 -9.84
N SER A 654 -2.45 -3.50 -9.61
CA SER A 654 -3.41 -3.43 -10.68
C SER A 654 -3.39 -2.08 -11.38
N SER A 655 -3.43 -2.11 -12.71
CA SER A 655 -3.52 -0.85 -13.48
C SER A 655 -4.82 -0.07 -13.25
N HIS A 656 -5.80 -0.69 -12.62
CA HIS A 656 -7.06 0.02 -12.31
C HIS A 656 -7.18 0.34 -10.85
N ASN A 657 -6.22 -0.12 -10.05
CA ASN A 657 -6.36 0.06 -8.58
C ASN A 657 -5.03 -0.26 -7.95
N LYS A 658 -4.23 0.76 -7.70
CA LYS A 658 -2.87 0.57 -7.20
C LYS A 658 -2.81 -0.25 -5.93
N TYR A 659 -3.90 -0.21 -5.13
CA TYR A 659 -3.88 -1.00 -3.89
C TYR A 659 -3.94 -2.50 -4.08
N ALA A 660 -4.57 -2.95 -5.17
CA ALA A 660 -4.77 -4.40 -5.37
C ALA A 660 -3.61 -5.03 -6.15
N GLY A 661 -3.14 -6.20 -5.72
CA GLY A 661 -2.17 -6.90 -6.57
C GLY A 661 -2.88 -7.59 -7.73
N GLU A 662 -2.21 -7.66 -8.86
CA GLU A 662 -2.71 -8.43 -10.01
C GLU A 662 -1.67 -9.51 -10.34
N SER A 663 -2.11 -10.74 -10.67
CA SER A 663 -1.13 -11.78 -11.02
C SER A 663 -1.01 -11.88 -12.53
N PHE A 664 0.15 -12.35 -13.02
CA PHE A 664 0.50 -12.25 -14.48
C PHE A 664 0.00 -10.96 -15.09
N PRO A 665 0.46 -9.80 -14.56
CA PRO A 665 -0.09 -8.53 -14.93
C PRO A 665 0.13 -8.21 -16.37
N GLY A 666 1.25 -8.67 -16.96
CA GLY A 666 1.52 -8.34 -18.40
C GLY A 666 0.44 -8.98 -19.25
N ILE A 667 0.12 -10.25 -18.96
CA ILE A 667 -0.93 -10.91 -19.76
C ILE A 667 -2.30 -10.33 -19.41
N TYR A 668 -2.56 -10.06 -18.11
CA TYR A 668 -3.83 -9.49 -17.70
C TYR A 668 -4.16 -8.18 -18.43
N ASP A 669 -3.19 -7.26 -18.45
CA ASP A 669 -3.43 -5.99 -19.09
C ASP A 669 -3.53 -6.17 -20.61
N ALA A 670 -2.81 -7.12 -21.20
CA ALA A 670 -2.96 -7.33 -22.67
C ALA A 670 -4.40 -7.81 -23.01
N LEU A 671 -4.99 -8.59 -22.12
CA LEU A 671 -6.38 -9.13 -22.33
C LEU A 671 -7.50 -8.17 -21.97
N PHE A 672 -7.19 -7.18 -21.14
CA PHE A 672 -8.24 -6.37 -20.53
C PHE A 672 -8.94 -5.53 -21.60
N ASP A 673 -10.26 -5.67 -21.68
CA ASP A 673 -11.09 -4.90 -22.64
C ASP A 673 -10.67 -5.16 -24.10
N ILE A 674 -10.14 -6.37 -24.38
CA ILE A 674 -9.52 -6.61 -25.68
C ILE A 674 -10.56 -6.59 -26.81
N GLU A 675 -11.80 -6.96 -26.49
CA GLU A 675 -12.90 -6.93 -27.49
C GLU A 675 -13.22 -5.53 -28.00
N SER A 676 -12.65 -4.51 -27.35
CA SER A 676 -12.80 -3.11 -27.80
C SER A 676 -11.65 -2.57 -28.61
N LYS A 677 -10.56 -3.33 -28.79
CA LYS A 677 -9.40 -2.81 -29.52
C LYS A 677 -9.67 -2.81 -31.02
N VAL A 678 -9.19 -1.79 -31.73
CA VAL A 678 -9.54 -1.64 -33.16
C VAL A 678 -8.79 -2.62 -34.07
N ASP A 679 -7.58 -3.02 -33.64
CA ASP A 679 -6.74 -3.92 -34.42
C ASP A 679 -6.55 -5.23 -33.64
N PRO A 680 -7.48 -6.18 -33.83
CA PRO A 680 -7.46 -7.39 -32.99
C PRO A 680 -6.22 -8.23 -33.23
N SER A 681 -5.69 -8.22 -34.46
CA SER A 681 -4.46 -8.96 -34.75
C SER A 681 -3.30 -8.47 -33.87
N LYS A 682 -3.16 -7.15 -33.80
CA LYS A 682 -2.11 -6.54 -33.01
C LYS A 682 -2.33 -6.82 -31.50
N ALA A 683 -3.59 -6.68 -31.04
CA ALA A 683 -3.94 -6.90 -29.61
C ALA A 683 -3.66 -8.34 -29.19
N TRP A 684 -4.09 -9.32 -30.00
CA TRP A 684 -3.80 -10.73 -29.66
C TRP A 684 -2.31 -11.08 -29.80
N GLY A 685 -1.61 -10.39 -30.71
CA GLY A 685 -0.16 -10.55 -30.83
C GLY A 685 0.52 -10.20 -29.50
N GLU A 686 0.03 -9.12 -28.89
CA GLU A 686 0.60 -8.66 -27.63
C GLU A 686 0.23 -9.63 -26.48
N VAL A 687 -0.98 -10.20 -26.50
CA VAL A 687 -1.25 -11.28 -25.55
C VAL A 687 -0.24 -12.40 -25.70
N LYS A 688 0.05 -12.84 -26.94
CA LYS A 688 1.00 -13.95 -27.13
CA LYS A 688 1.00 -13.94 -27.14
C LYS A 688 2.40 -13.57 -26.68
N ARG A 689 2.77 -12.34 -26.93
CA ARG A 689 4.06 -11.86 -26.46
C ARG A 689 4.16 -11.93 -24.93
N GLN A 690 3.11 -11.52 -24.25
CA GLN A 690 3.12 -11.58 -22.73
C GLN A 690 3.09 -13.03 -22.23
N ILE A 691 2.40 -13.94 -22.94
CA ILE A 691 2.48 -15.34 -22.55
C ILE A 691 3.90 -15.87 -22.64
N TYR A 692 4.62 -15.57 -23.74
CA TYR A 692 6.02 -15.96 -23.91
C TYR A 692 6.90 -15.37 -22.79
N VAL A 693 6.74 -14.09 -22.50
CA VAL A 693 7.58 -13.49 -21.43
C VAL A 693 7.32 -14.18 -20.06
N ALA A 694 6.05 -14.44 -19.77
CA ALA A 694 5.68 -15.08 -18.50
C ALA A 694 6.19 -16.52 -18.45
N ALA A 695 6.00 -17.28 -19.54
CA ALA A 695 6.49 -18.70 -19.53
C ALA A 695 8.01 -18.76 -19.40
N PHE A 696 8.69 -17.89 -20.14
CA PHE A 696 10.14 -17.79 -20.05
C PHE A 696 10.60 -17.45 -18.65
N THR A 697 9.95 -16.49 -18.03
CA THR A 697 10.40 -16.04 -16.67
C THR A 697 10.18 -17.13 -15.66
N VAL A 698 8.98 -17.79 -15.72
CA VAL A 698 8.73 -18.90 -14.77
C VAL A 698 9.77 -20.01 -14.94
N GLN A 699 10.05 -20.38 -16.20
CA GLN A 699 11.07 -21.44 -16.44
C GLN A 699 12.47 -20.99 -15.95
N ALA A 700 12.79 -19.72 -16.19
CA ALA A 700 14.12 -19.22 -15.76
C ALA A 700 14.21 -19.20 -14.24
N ALA A 701 13.13 -18.83 -13.55
CA ALA A 701 13.08 -18.85 -12.07
C ALA A 701 13.25 -20.30 -11.64
N ALA A 702 12.51 -21.22 -12.29
CA ALA A 702 12.70 -22.65 -11.90
C ALA A 702 14.14 -23.11 -11.99
N GLU A 703 14.80 -22.73 -13.09
CA GLU A 703 16.19 -23.14 -13.30
C GLU A 703 17.20 -22.66 -12.28
N THR A 704 16.87 -21.58 -11.54
CA THR A 704 17.74 -21.12 -10.47
C THR A 704 17.73 -22.11 -9.31
N LEU A 705 16.71 -22.97 -9.26
CA LEU A 705 16.62 -24.00 -8.19
C LEU A 705 17.18 -25.33 -8.63
N SER A 706 17.52 -25.51 -9.90
CA SER A 706 18.24 -26.74 -10.33
C SER A 706 19.61 -26.87 -9.65
N GLU A 707 20.19 -28.07 -9.66
CA GLU A 707 21.60 -28.19 -9.23
C GLU A 707 22.48 -27.19 -10.03
N VAL A 708 23.39 -26.55 -9.32
CA VAL A 708 24.08 -25.37 -9.88
C VAL A 708 25.12 -25.74 -10.96
N ALA A 709 25.55 -27.02 -10.97
CA ALA A 709 26.57 -27.52 -11.93
C ALA A 709 26.65 -29.04 -11.77
C1 NAG B . 8.56 11.89 23.44
C2 NAG B . 8.38 13.27 24.06
C3 NAG B . 9.71 14.04 24.11
C4 NAG B . 10.86 13.20 24.62
C5 NAG B . 10.85 11.81 24.00
C6 NAG B . 11.96 10.92 24.56
C7 NAG B . 6.18 14.24 23.75
C8 NAG B . 5.27 15.01 22.85
N2 NAG B . 7.41 14.01 23.29
O3 NAG B . 9.56 15.08 25.03
O4 NAG B . 12.06 13.87 24.27
O5 NAG B . 9.57 11.20 24.15
O6 NAG B . 11.64 10.54 25.89
O7 NAG B . 5.81 13.81 24.85
C1 NAG B . 12.89 14.12 25.42
C2 NAG B . 14.35 14.32 24.99
C3 NAG B . 15.27 14.84 26.11
C4 NAG B . 14.61 15.91 27.00
C5 NAG B . 13.18 15.52 27.34
C6 NAG B . 12.45 16.61 28.13
C7 NAG B . 15.17 12.83 23.15
C8 NAG B . 14.57 13.78 22.17
N2 NAG B . 15.00 13.11 24.44
O3 NAG B . 16.43 15.36 25.48
O4 NAG B . 15.39 16.10 28.17
O5 NAG B . 12.45 15.27 26.13
O6 NAG B . 12.16 17.68 27.26
O7 NAG B . 15.76 11.79 22.77
C1 NAG C . -17.72 32.20 -0.51
C2 NAG C . -18.73 33.28 -0.04
C3 NAG C . -18.63 34.53 -0.90
C4 NAG C . -17.18 35.00 -1.03
C5 NAG C . -16.25 33.82 -1.41
C6 NAG C . -14.79 34.22 -1.44
C7 NAG C . -20.77 32.38 0.89
C8 NAG C . -22.17 31.86 0.66
N2 NAG C . -20.08 32.77 -0.17
O3 NAG C . -19.39 35.54 -0.26
O4 NAG C . -17.16 35.98 -2.04
O5 NAG C . -16.43 32.77 -0.46
O6 NAG C . -14.37 34.69 -0.19
O7 NAG C . -20.31 32.42 2.02
C1 NAG C . -16.46 37.18 -1.66
C2 NAG C . -16.02 37.89 -2.94
C3 NAG C . -15.33 39.22 -2.61
C4 NAG C . -16.19 40.08 -1.69
C5 NAG C . -16.48 39.26 -0.42
C6 NAG C . -17.20 40.06 0.67
C7 NAG C . -15.50 36.27 -4.73
C8 NAG C . -14.39 35.52 -5.41
N2 NAG C . -15.13 37.07 -3.74
O3 NAG C . -15.03 39.92 -3.80
O4 NAG C . -15.53 41.31 -1.44
O5 NAG C . -17.17 38.05 -0.77
O6 NAG C . -18.59 39.76 0.67
O7 NAG C . -16.68 36.11 -5.11
C1 NAG D . 6.84 -25.14 9.36
C2 NAG D . 8.19 -25.16 8.63
C3 NAG D . 8.34 -26.48 7.91
C4 NAG D . 8.09 -27.66 8.88
C5 NAG D . 6.69 -27.49 9.53
C6 NAG D . 6.36 -28.59 10.56
C7 NAG D . 9.19 -23.13 7.59
C8 NAG D . 10.21 -23.19 8.66
N2 NAG D . 8.27 -24.10 7.62
O3 NAG D . 9.67 -26.50 7.44
O4 NAG D . 8.11 -28.79 8.06
O5 NAG D . 6.76 -26.25 10.24
O6 NAG D . 7.40 -28.56 11.53
O7 NAG D . 9.24 -22.22 6.68
C1 NAG D . 8.96 -29.80 8.66
C2 NAG D . 8.62 -31.10 7.94
C3 NAG D . 9.57 -32.23 8.38
C4 NAG D . 11.02 -31.77 8.28
C5 NAG D . 11.23 -30.46 9.04
C6 NAG D . 12.64 -29.94 8.81
C7 NAG D . 6.26 -31.30 7.18
C8 NAG D . 6.62 -30.75 5.82
N2 NAG D . 7.20 -31.42 8.12
O3 NAG D . 9.34 -33.39 7.59
O4 NAG D . 11.93 -32.78 8.75
O5 NAG D . 10.33 -29.48 8.53
O6 NAG D . 12.84 -29.95 7.40
O7 NAG D . 5.07 -31.60 7.40
C1 NAG E . 9.88 -27.88 -19.33
C2 NAG E . 10.25 -26.89 -20.45
C3 NAG E . 10.42 -27.70 -21.75
C4 NAG E . 11.47 -28.81 -21.56
C5 NAG E . 11.15 -29.65 -20.32
C6 NAG E . 12.34 -30.60 -20.07
C7 NAG E . 9.55 -24.59 -20.84
C8 NAG E . 8.40 -23.64 -20.99
N2 NAG E . 9.23 -25.86 -20.63
O3 NAG E . 10.77 -26.82 -22.81
O4 NAG E . 11.49 -29.74 -22.65
O5 NAG E . 11.00 -28.78 -19.21
O6 NAG E . 11.93 -31.64 -19.21
O7 NAG E . 10.70 -24.17 -20.88
C1 NAG E . 12.23 -29.24 -23.76
C2 NAG E . 13.11 -30.33 -24.38
C3 NAG E . 13.62 -29.96 -25.78
C4 NAG E . 12.46 -29.45 -26.65
C5 NAG E . 11.84 -28.27 -25.85
C6 NAG E . 10.80 -27.43 -26.55
C7 NAG E . 14.35 -31.80 -22.84
C8 NAG E . 13.25 -32.84 -22.95
N2 NAG E . 14.25 -30.64 -23.52
O3 NAG E . 14.23 -31.13 -26.30
O4 NAG E . 12.84 -28.91 -27.90
O5 NAG E . 11.25 -28.85 -24.70
O6 NAG E . 9.75 -28.29 -26.88
O7 NAG E . 15.31 -32.02 -22.10
C1 BMA E . 13.03 -29.89 -28.92
C2 BMA E . 12.67 -29.23 -30.25
C3 BMA E . 13.07 -30.12 -31.41
C4 BMA E . 14.54 -30.51 -31.28
C5 BMA E . 14.77 -31.15 -29.93
C6 BMA E . 16.21 -31.55 -29.72
O2 BMA E . 13.40 -27.98 -30.35
O3 BMA E . 12.85 -29.34 -32.58
O4 BMA E . 14.93 -31.38 -32.32
O5 BMA E . 14.42 -30.18 -28.92
O6 BMA E . 16.37 -31.87 -28.32
C1 MAN E . 12.08 -30.13 -33.55
C2 MAN E . 12.27 -29.42 -34.91
C3 MAN E . 11.51 -28.09 -34.90
C4 MAN E . 10.05 -28.25 -34.46
C5 MAN E . 10.00 -29.00 -33.12
C6 MAN E . 8.59 -29.18 -32.56
O2 MAN E . 11.87 -30.30 -35.95
O3 MAN E . 11.57 -27.41 -36.14
O4 MAN E . 9.43 -26.97 -34.33
O5 MAN E . 10.69 -30.24 -33.23
O6 MAN E . 7.79 -29.88 -33.50
C1 NAG F . 0.20 32.13 -1.87
C2 NAG F . 1.33 32.43 -2.83
C3 NAG F . 1.81 33.89 -2.85
C4 NAG F . 0.64 34.89 -2.68
C5 NAG F . -0.33 34.41 -1.58
C6 NAG F . -1.49 35.37 -1.24
C7 NAG F . 2.90 30.58 -3.26
C8 NAG F . 2.42 30.53 -4.69
N2 NAG F . 2.37 31.50 -2.44
O3 NAG F . 2.39 34.04 -4.12
O4 NAG F . 1.08 36.24 -2.40
O5 NAG F . -0.80 33.11 -1.96
O6 NAG F . -2.26 35.73 -2.37
O7 NAG F . 3.75 29.81 -2.86
C1 NAG G . -17.61 14.67 -26.00
C2 NAG G . -17.41 14.05 -27.39
C3 NAG G . -16.22 14.70 -28.11
C4 NAG G . -16.38 16.22 -28.13
C5 NAG G . -16.50 16.71 -26.68
C6 NAG G . -16.54 18.24 -26.53
C7 NAG G . -18.19 11.70 -27.47
C8 NAG G . -17.77 10.26 -27.37
N2 NAG G . -17.21 12.61 -27.32
O3 NAG G . -16.15 14.20 -29.43
O4 NAG G . -15.30 16.85 -28.81
O5 NAG G . -17.64 16.09 -26.09
O6 NAG G . -17.50 18.85 -27.37
O7 NAG G . -19.37 11.98 -27.70
C1 NAG H . -13.80 -3.57 18.88
C2 NAG H . -14.56 -2.74 17.82
C3 NAG H . -16.00 -2.53 18.32
C4 NAG H . -16.72 -3.87 18.45
C5 NAG H . -15.87 -4.73 19.41
C6 NAG H . -16.52 -6.10 19.72
C7 NAG H . -13.60 -1.16 16.22
C8 NAG H . -12.96 0.17 15.93
N2 NAG H . -13.90 -1.48 17.48
O3 NAG H . -16.70 -1.67 17.45
O4 NAG H . -18.10 -3.72 18.89
O5 NAG H . -14.50 -4.82 18.98
O6 NAG H . -16.89 -6.80 18.54
O7 NAG H . -13.85 -1.89 15.27
ZN ZN I . -1.63 6.87 4.68
ZN ZN J . 0.66 4.95 6.13
CA CA K . 14.63 9.21 -7.58
CL CL L . 1.67 -2.51 6.71
CAO 2QM M . 1.08 6.57 -0.62
CAI 2QM M . 1.87 6.54 -1.75
CBB 2QM M . 1.37 6.05 -2.95
OAG 2QM M . 2.18 6.06 -4.05
CAJ 2QM M . 0.08 5.56 -3.05
CAP 2QM M . -0.71 5.59 -1.88
CBE 2QM M . -0.21 6.07 -0.67
CBG 2QM M . -1.00 6.15 0.60
CAY 2QM M . -2.48 6.45 0.24
OAF 2QM M . -2.85 7.67 0.14
OAB 2QM M . -3.22 5.46 -0.02
NAW 2QM M . -0.96 4.85 1.28
CAZ 2QM M . -1.85 4.55 2.22
OAC 2QM M . -2.49 5.45 2.76
N 2QM M . -1.87 3.27 2.63
CA 2QM M . -2.67 2.80 3.76
C 2QM M . -2.13 1.44 4.20
OXT 2QM M . -1.47 0.72 3.35
O 2QM M . -2.38 1.18 5.40
CB 2QM M . -4.17 2.67 3.40
CAR 2QM M . -4.45 1.66 2.33
CAQ 2QM M . -5.98 1.53 2.10
CAS 2QM M . -6.25 0.24 1.36
NAU 2QM M . -5.73 -0.88 2.15
CBA 2QM M . -4.94 -1.83 1.63
OAD 2QM M . -4.56 -1.75 0.46
CBD 2QM M . -4.34 -2.94 2.56
CAM 2QM M . -4.02 -4.21 2.08
CAK 2QM M . -3.44 -5.22 2.91
CBC 2QM M . -3.07 -5.02 4.25
IAH 2QM M . -2.14 -6.55 5.50
CAL 2QM M . -3.35 -3.71 4.70
CAN 2QM M . -3.97 -2.70 3.89
#